data_2MAS
#
_entry.id   2MAS
#
_cell.length_a   120.630
_cell.length_b   159.760
_cell.length_c   206.380
_cell.angle_alpha   90.00
_cell.angle_beta   90.00
_cell.angle_gamma   90.00
#
_symmetry.space_group_name_H-M   'I 2 2 2'
#
loop_
_entity.id
_entity.type
_entity.pdbx_description
1 polymer 'INOSINE-URIDINE NUCLEOSIDE N-RIBOHYDROLASE'
2 non-polymer 'CALCIUM ION'
3 non-polymer 2-(4-AMINO-PHENYL)-5-HYDROXYMETHYL-PYRROLIDINE-3,4-DIOL
4 water water
#
_entity_poly.entity_id   1
_entity_poly.type   'polypeptide(L)'
_entity_poly.pdbx_seq_one_letter_code
;AKKIILDCDPGLDDAVAILLAHGNPEIELLAITTVVGNQTLAKVTRNAQLVADIAGITGVPIAAGCDKPLVRKIMTAGHI
HGESGMGTVAYPAEFKNKVDERHAVNLIIDLVMSHEPKTITLVPTGGLTNIAMAARLEPRIVDRVKEVVLMGGGYHEGNA
TSVAEFNIIIDPEAAHIVFNESWQVTMVGLDLTHQALATPPILQRVKEVDTNPARFMLEIMDYYTKIYQSNRYMAAAAVH
DPCAVAYVIDPSVMTTERVPVDIELTGKLTLGMTVADFRNPRPEHCHTQVAVKLDFEKFWGLVLDALERIGDPQ
;
_entity_poly.pdbx_strand_id   A,B,C,D
#
loop_
_chem_comp.id
_chem_comp.type
_chem_comp.name
_chem_comp.formula
CA non-polymer 'CALCIUM ION' 'Ca 2'
PIR non-polymer 2-(4-AMINO-PHENYL)-5-HYDROXYMETHYL-PYRROLIDINE-3,4-DIOL 'C11 H16 N2 O3'
#
# COMPACT_ATOMS: atom_id res chain seq x y z
N ALA A 1 -31.91 -4.68 32.80
CA ALA A 1 -32.59 -3.57 32.08
C ALA A 1 -31.94 -3.33 30.72
N LYS A 2 -30.61 -3.35 30.65
CA LYS A 2 -29.95 -3.15 29.37
C LYS A 2 -29.45 -4.47 28.84
N LYS A 3 -30.09 -4.97 27.79
CA LYS A 3 -29.73 -6.25 27.16
C LYS A 3 -28.46 -6.12 26.31
N ILE A 4 -27.46 -6.98 26.55
CA ILE A 4 -26.24 -6.92 25.74
C ILE A 4 -25.79 -8.32 25.30
N ILE A 5 -24.95 -8.35 24.27
CA ILE A 5 -24.32 -9.58 23.81
C ILE A 5 -22.84 -9.20 24.01
N LEU A 6 -22.12 -9.97 24.80
CA LEU A 6 -20.72 -9.70 25.06
C LEU A 6 -19.90 -10.63 24.13
N ASP A 7 -19.22 -10.07 23.14
CA ASP A 7 -18.39 -10.85 22.22
C ASP A 7 -16.97 -10.65 22.73
N CYS A 8 -16.29 -11.71 23.10
CA CYS A 8 -14.99 -11.55 23.70
C CYS A 8 -14.05 -12.72 23.47
N ASP A 9 -12.80 -12.54 23.89
CA ASP A 9 -11.78 -13.55 23.71
C ASP A 9 -11.10 -13.74 25.01
N PRO A 10 -11.83 -14.27 26.00
CA PRO A 10 -11.31 -14.50 27.33
C PRO A 10 -9.87 -14.80 27.57
N GLY A 11 -9.28 -13.70 28.05
CA GLY A 11 -7.91 -13.57 28.48
C GLY A 11 -8.20 -12.88 29.82
N LEU A 12 -7.13 -12.47 30.52
CA LEU A 12 -7.25 -11.84 31.83
C LEU A 12 -8.31 -10.73 31.99
N ASP A 13 -8.24 -9.67 31.22
CA ASP A 13 -9.25 -8.63 31.40
C ASP A 13 -10.67 -8.94 30.89
N ASP A 14 -10.82 -9.80 29.89
CA ASP A 14 -12.17 -10.15 29.42
C ASP A 14 -12.93 -10.82 30.57
N ALA A 15 -12.19 -11.58 31.37
CA ALA A 15 -12.78 -12.27 32.52
C ALA A 15 -13.47 -11.27 33.46
N VAL A 16 -12.79 -10.16 33.76
CA VAL A 16 -13.35 -9.13 34.67
C VAL A 16 -14.59 -8.47 34.03
N ALA A 17 -14.60 -8.38 32.71
CA ALA A 17 -15.74 -7.78 32.03
C ALA A 17 -16.94 -8.69 32.19
N ILE A 18 -16.72 -10.00 32.17
CA ILE A 18 -17.82 -10.94 32.34
C ILE A 18 -18.39 -10.82 33.77
N LEU A 19 -17.51 -10.82 34.79
CA LEU A 19 -17.92 -10.68 36.21
C LEU A 19 -18.76 -9.41 36.37
N LEU A 20 -18.25 -8.30 35.88
CA LEU A 20 -18.98 -7.04 35.99
C LEU A 20 -20.31 -7.11 35.28
N ALA A 21 -20.37 -7.73 34.11
CA ALA A 21 -21.64 -7.79 33.36
C ALA A 21 -22.64 -8.66 34.06
N HIS A 22 -22.14 -9.66 34.76
CA HIS A 22 -23.02 -10.57 35.47
C HIS A 22 -23.53 -9.96 36.79
N GLY A 23 -22.60 -9.48 37.59
CA GLY A 23 -22.93 -8.91 38.87
C GLY A 23 -23.75 -7.63 38.87
N ASN A 24 -23.60 -6.78 37.87
CA ASN A 24 -24.35 -5.54 37.89
C ASN A 24 -25.81 -5.74 37.54
N PRO A 25 -26.71 -5.21 38.38
CA PRO A 25 -28.16 -5.31 38.18
C PRO A 25 -28.73 -4.58 36.99
N GLU A 26 -27.95 -3.74 36.34
CA GLU A 26 -28.42 -2.94 35.21
C GLU A 26 -28.30 -3.62 33.84
N ILE A 27 -27.44 -4.62 33.80
CA ILE A 27 -27.14 -5.35 32.60
C ILE A 27 -27.88 -6.68 32.52
N GLU A 28 -28.43 -6.98 31.35
CA GLU A 28 -29.11 -8.27 31.16
C GLU A 28 -28.29 -8.97 30.05
N LEU A 29 -27.48 -9.93 30.45
CA LEU A 29 -26.60 -10.66 29.55
C LEU A 29 -27.32 -11.73 28.68
N LEU A 30 -27.63 -11.43 27.42
CA LEU A 30 -28.30 -12.40 26.54
C LEU A 30 -27.41 -13.57 26.11
N ALA A 31 -26.12 -13.30 25.89
CA ALA A 31 -25.19 -14.35 25.46
C ALA A 31 -23.74 -13.90 25.53
N ILE A 32 -22.84 -14.87 25.67
CA ILE A 32 -21.40 -14.61 25.66
C ILE A 32 -20.89 -15.36 24.41
N THR A 33 -20.36 -14.65 23.40
CA THR A 33 -19.86 -15.29 22.17
C THR A 33 -18.37 -15.12 22.11
N THR A 34 -17.63 -16.10 21.60
CA THR A 34 -16.17 -15.98 21.54
C THR A 34 -15.55 -15.85 20.12
N VAL A 35 -14.31 -15.32 20.03
CA VAL A 35 -13.57 -15.11 18.76
C VAL A 35 -12.11 -15.37 19.02
N VAL A 36 -11.31 -15.55 17.96
CA VAL A 36 -9.86 -15.73 18.10
C VAL A 36 -9.29 -14.40 18.55
N GLY A 37 -8.14 -14.41 19.20
CA GLY A 37 -7.54 -13.15 19.62
C GLY A 37 -6.45 -13.39 20.61
N ASN A 38 -6.75 -13.14 21.89
CA ASN A 38 -5.76 -13.33 22.92
C ASN A 38 -5.14 -14.73 22.81
N GLN A 39 -5.97 -15.70 22.47
CA GLN A 39 -5.55 -17.09 22.26
C GLN A 39 -6.39 -17.67 21.13
N THR A 40 -6.14 -18.92 20.79
CA THR A 40 -6.92 -19.58 19.74
C THR A 40 -8.34 -19.81 20.23
N LEU A 41 -9.30 -19.80 19.31
CA LEU A 41 -10.73 -19.98 19.62
C LEU A 41 -11.06 -21.12 20.61
N ALA A 42 -10.33 -22.21 20.54
CA ALA A 42 -10.60 -23.31 21.44
C ALA A 42 -10.29 -22.89 22.85
N LYS A 43 -9.07 -22.39 23.06
CA LYS A 43 -8.63 -21.95 24.40
C LYS A 43 -9.53 -20.88 25.00
N VAL A 44 -9.81 -19.86 24.21
CA VAL A 44 -10.64 -18.76 24.62
C VAL A 44 -12.05 -19.21 25.00
N THR A 45 -12.59 -20.20 24.30
CA THR A 45 -13.94 -20.68 24.60
C THR A 45 -13.98 -21.48 25.89
N ARG A 46 -12.94 -22.26 26.13
CA ARG A 46 -12.78 -23.03 27.34
C ARG A 46 -12.69 -22.03 28.52
N ASN A 47 -11.94 -20.94 28.33
CA ASN A 47 -11.79 -19.91 29.36
C ASN A 47 -13.15 -19.25 29.68
N ALA A 48 -13.96 -18.96 28.67
CA ALA A 48 -15.26 -18.35 28.95
C ALA A 48 -16.13 -19.29 29.80
N GLN A 49 -16.00 -20.59 29.61
CA GLN A 49 -16.77 -21.56 30.41
C GLN A 49 -16.24 -21.52 31.83
N LEU A 50 -14.92 -21.54 31.98
CA LEU A 50 -14.32 -21.45 33.31
C LEU A 50 -14.86 -20.28 34.12
N VAL A 51 -14.78 -19.05 33.61
CA VAL A 51 -15.29 -17.92 34.40
C VAL A 51 -16.82 -17.94 34.54
N ALA A 52 -17.53 -18.46 33.55
CA ALA A 52 -18.98 -18.53 33.69
C ALA A 52 -19.33 -19.46 34.86
N ASP A 53 -18.54 -20.51 35.03
CA ASP A 53 -18.74 -21.47 36.13
C ASP A 53 -18.45 -20.78 37.45
N ILE A 54 -17.27 -20.16 37.57
CA ILE A 54 -16.85 -19.46 38.79
C ILE A 54 -17.82 -18.40 39.25
N ALA A 55 -18.39 -17.65 38.31
CA ALA A 55 -19.36 -16.62 38.67
C ALA A 55 -20.78 -17.18 38.80
N GLY A 56 -20.92 -18.49 38.66
CA GLY A 56 -22.23 -19.12 38.76
C GLY A 56 -23.26 -18.61 37.77
N ILE A 57 -22.86 -18.43 36.52
CA ILE A 57 -23.82 -17.95 35.50
C ILE A 57 -24.66 -19.14 35.01
N THR A 58 -25.96 -18.94 34.81
CA THR A 58 -26.83 -19.97 34.30
C THR A 58 -27.86 -19.30 33.41
N GLY A 59 -28.34 -20.04 32.41
CA GLY A 59 -29.33 -19.48 31.52
C GLY A 59 -28.78 -18.57 30.44
N VAL A 60 -27.46 -18.54 30.29
CA VAL A 60 -26.83 -17.70 29.27
C VAL A 60 -26.01 -18.58 28.34
N PRO A 61 -26.37 -18.59 27.05
CA PRO A 61 -25.61 -19.41 26.09
C PRO A 61 -24.21 -18.88 25.80
N ILE A 62 -23.26 -19.80 25.69
CA ILE A 62 -21.88 -19.46 25.36
C ILE A 62 -21.64 -20.10 23.97
N ALA A 63 -21.56 -19.28 22.93
CA ALA A 63 -21.37 -19.79 21.57
C ALA A 63 -20.04 -19.41 20.94
N ALA A 64 -19.31 -20.39 20.38
CA ALA A 64 -18.02 -20.11 19.73
C ALA A 64 -18.22 -19.52 18.34
N GLY A 65 -17.30 -18.67 17.89
CA GLY A 65 -17.43 -18.06 16.58
C GLY A 65 -16.23 -18.31 15.65
N CYS A 66 -15.86 -17.32 14.84
CA CYS A 66 -14.75 -17.46 13.92
C CYS A 66 -13.42 -17.81 14.56
N ASP A 67 -12.72 -18.78 13.99
CA ASP A 67 -11.44 -19.20 14.54
C ASP A 67 -10.25 -18.57 13.80
N LYS A 68 -10.53 -17.68 12.85
CA LYS A 68 -9.53 -17.03 12.05
C LYS A 68 -9.97 -15.64 11.63
N PRO A 69 -9.02 -14.75 11.34
CA PRO A 69 -9.37 -13.42 10.89
C PRO A 69 -9.98 -13.60 9.49
N LEU A 70 -10.71 -12.61 9.01
CA LEU A 70 -11.36 -12.63 7.71
C LEU A 70 -10.38 -12.87 6.59
N VAL A 71 -9.30 -12.09 6.52
CA VAL A 71 -8.32 -12.22 5.43
C VAL A 71 -6.88 -12.51 5.89
N ARG A 72 -6.45 -11.89 6.97
CA ARG A 72 -5.08 -12.01 7.45
C ARG A 72 -4.80 -13.30 8.17
N LYS A 73 -3.54 -13.56 8.43
CA LYS A 73 -3.14 -14.77 9.12
C LYS A 73 -3.35 -14.59 10.63
N ILE A 74 -3.66 -15.67 11.34
CA ILE A 74 -3.88 -15.65 12.78
C ILE A 74 -2.72 -15.03 13.56
N MET A 75 -3.07 -14.22 14.54
CA MET A 75 -2.07 -13.57 15.39
C MET A 75 -2.68 -13.53 16.79
N THR A 76 -1.99 -14.14 17.76
CA THR A 76 -2.51 -14.19 19.12
C THR A 76 -1.63 -13.41 20.11
N ALA A 77 -2.05 -13.31 21.36
CA ALA A 77 -1.27 -12.58 22.35
C ALA A 77 -0.99 -13.44 23.59
N GLY A 78 -0.45 -14.63 23.35
CA GLY A 78 -0.14 -15.57 24.43
C GLY A 78 0.98 -15.15 25.38
N HIS A 79 1.75 -14.15 24.98
CA HIS A 79 2.83 -13.64 25.82
C HIS A 79 2.31 -12.72 26.93
N ILE A 80 1.05 -12.30 26.80
CA ILE A 80 0.43 -11.44 27.79
C ILE A 80 -0.52 -12.26 28.67
N HIS A 81 -1.28 -13.16 28.07
CA HIS A 81 -2.25 -13.94 28.83
C HIS A 81 -1.86 -15.40 29.12
N GLY A 82 -0.60 -15.74 28.89
CA GLY A 82 -0.15 -17.10 29.11
C GLY A 82 -0.61 -18.03 28.00
N GLU A 83 -0.16 -19.28 28.03
CA GLU A 83 -0.54 -20.24 27.00
C GLU A 83 -2.03 -20.54 27.04
N SER A 84 -2.58 -20.69 28.25
CA SER A 84 -3.99 -21.00 28.41
C SER A 84 -4.87 -19.81 28.05
N GLY A 85 -4.28 -18.63 28.00
CA GLY A 85 -5.06 -17.44 27.71
C GLY A 85 -5.67 -16.89 28.99
N MET A 86 -5.78 -17.75 30.01
CA MET A 86 -6.32 -17.37 31.31
C MET A 86 -5.20 -17.35 32.33
N GLY A 87 -4.05 -16.91 31.86
CA GLY A 87 -2.89 -16.81 32.72
C GLY A 87 -2.41 -18.09 33.36
N THR A 88 -2.80 -18.29 34.61
CA THR A 88 -2.32 -19.46 35.37
C THR A 88 -3.37 -20.22 36.18
N VAL A 89 -4.61 -20.22 35.75
CA VAL A 89 -5.66 -20.93 36.47
C VAL A 89 -5.76 -22.39 36.00
N ALA A 90 -6.13 -23.28 36.93
CA ALA A 90 -6.29 -24.69 36.64
C ALA A 90 -7.75 -24.90 36.25
N TYR A 91 -8.00 -25.73 35.26
CA TYR A 91 -9.37 -25.93 34.83
C TYR A 91 -9.99 -27.10 35.52
N PRO A 92 -11.33 -27.11 35.63
CA PRO A 92 -12.02 -28.22 36.27
C PRO A 92 -12.04 -29.43 35.33
N ALA A 93 -12.42 -30.58 35.86
CA ALA A 93 -12.51 -31.80 35.08
C ALA A 93 -13.65 -31.66 34.09
N GLU A 94 -14.75 -31.06 34.53
CA GLU A 94 -15.90 -30.87 33.68
C GLU A 94 -16.46 -29.50 33.94
N PHE A 95 -17.06 -28.89 32.94
CA PHE A 95 -17.63 -27.56 33.09
C PHE A 95 -19.12 -27.76 33.23
N LYS A 96 -19.76 -26.91 34.02
CA LYS A 96 -21.20 -26.99 34.19
C LYS A 96 -21.83 -26.33 32.98
N ASN A 97 -21.21 -25.26 32.52
CA ASN A 97 -21.69 -24.53 31.32
C ASN A 97 -21.10 -25.21 30.07
N LYS A 98 -21.96 -25.50 29.09
CA LYS A 98 -21.55 -26.13 27.86
C LYS A 98 -21.58 -25.15 26.69
N VAL A 99 -20.74 -25.40 25.70
CA VAL A 99 -20.71 -24.53 24.53
C VAL A 99 -21.95 -24.81 23.70
N ASP A 100 -22.69 -23.77 23.36
CA ASP A 100 -23.90 -23.88 22.55
C ASP A 100 -23.64 -24.59 21.23
N GLU A 101 -24.71 -25.01 20.57
CA GLU A 101 -24.60 -25.72 19.31
C GLU A 101 -24.46 -24.78 18.14
N ARG A 102 -25.12 -23.64 18.24
CA ARG A 102 -25.07 -22.64 17.18
C ARG A 102 -23.73 -21.89 17.06
N HIS A 103 -23.44 -21.40 15.86
CA HIS A 103 -22.24 -20.64 15.62
C HIS A 103 -22.58 -19.25 16.12
N ALA A 104 -21.65 -18.61 16.82
CA ALA A 104 -21.85 -17.27 17.37
C ALA A 104 -22.44 -16.33 16.33
N VAL A 105 -21.98 -16.41 15.09
CA VAL A 105 -22.51 -15.52 14.06
C VAL A 105 -23.98 -15.73 13.85
N ASN A 106 -24.41 -16.98 13.93
CA ASN A 106 -25.83 -17.27 13.73
C ASN A 106 -26.64 -16.88 14.96
N LEU A 107 -26.07 -17.12 16.16
CA LEU A 107 -26.75 -16.79 17.42
C LEU A 107 -27.01 -15.28 17.49
N ILE A 108 -25.98 -14.46 17.24
CA ILE A 108 -26.11 -13.03 17.25
C ILE A 108 -27.21 -12.61 16.28
N ILE A 109 -27.23 -13.16 15.07
CA ILE A 109 -28.24 -12.76 14.10
C ILE A 109 -29.60 -13.16 14.61
N ASP A 110 -29.66 -14.32 15.24
CA ASP A 110 -30.89 -14.86 15.80
C ASP A 110 -31.49 -13.92 16.88
N LEU A 111 -30.69 -13.65 17.90
CA LEU A 111 -31.11 -12.78 18.99
C LEU A 111 -31.58 -11.43 18.49
N VAL A 112 -30.77 -10.76 17.67
CA VAL A 112 -31.16 -9.45 17.16
C VAL A 112 -32.43 -9.45 16.32
N MET A 113 -32.60 -10.43 15.44
CA MET A 113 -33.79 -10.47 14.58
C MET A 113 -35.04 -10.86 15.36
N SER A 114 -34.89 -11.69 16.39
CA SER A 114 -36.05 -12.09 17.16
C SER A 114 -36.51 -11.10 18.24
N HIS A 115 -35.63 -10.20 18.68
CA HIS A 115 -36.07 -9.23 19.69
C HIS A 115 -36.55 -7.92 19.07
N GLU A 116 -37.16 -7.08 19.89
CA GLU A 116 -37.66 -5.80 19.43
C GLU A 116 -36.52 -4.91 18.99
N PRO A 117 -36.75 -4.09 17.98
CA PRO A 117 -35.74 -3.17 17.46
C PRO A 117 -35.16 -2.25 18.53
N LYS A 118 -33.87 -1.96 18.40
CA LYS A 118 -33.19 -1.05 19.29
C LYS A 118 -33.18 -1.41 20.77
N THR A 119 -33.15 -2.68 21.09
CA THR A 119 -33.12 -3.07 22.49
C THR A 119 -31.82 -3.79 22.88
N ILE A 120 -31.06 -4.27 21.88
CA ILE A 120 -29.80 -4.95 22.16
C ILE A 120 -28.56 -4.10 21.80
N THR A 121 -27.58 -4.05 22.69
CA THR A 121 -26.38 -3.33 22.34
C THR A 121 -25.25 -4.35 22.32
N LEU A 122 -24.41 -4.30 21.27
CA LEU A 122 -23.31 -5.25 21.13
C LEU A 122 -22.11 -4.70 21.82
N VAL A 123 -21.43 -5.53 22.61
CA VAL A 123 -20.25 -5.12 23.33
C VAL A 123 -19.06 -6.04 23.01
N PRO A 124 -18.34 -5.72 21.92
CA PRO A 124 -17.17 -6.53 21.53
C PRO A 124 -15.93 -6.09 22.31
N THR A 125 -15.19 -7.04 22.87
CA THR A 125 -13.99 -6.71 23.62
C THR A 125 -12.82 -7.59 23.11
N GLY A 126 -12.97 -8.05 21.86
CA GLY A 126 -11.95 -8.86 21.17
C GLY A 126 -11.81 -8.39 19.71
N GLY A 127 -11.22 -9.20 18.82
CA GLY A 127 -11.17 -8.79 17.42
C GLY A 127 -12.60 -8.67 16.91
N LEU A 128 -12.82 -7.92 15.85
CA LEU A 128 -14.19 -7.75 15.37
C LEU A 128 -14.73 -8.73 14.30
N THR A 129 -14.05 -9.88 14.13
CA THR A 129 -14.45 -10.87 13.13
C THR A 129 -15.91 -11.34 13.13
N ASN A 130 -16.45 -11.74 14.29
CA ASN A 130 -17.86 -12.20 14.36
C ASN A 130 -18.87 -11.09 14.08
N ILE A 131 -18.59 -9.88 14.56
CA ILE A 131 -19.53 -8.78 14.33
C ILE A 131 -19.61 -8.42 12.86
N ALA A 132 -18.46 -8.45 12.16
CA ALA A 132 -18.41 -8.09 10.73
C ALA A 132 -19.10 -9.16 9.88
N MET A 133 -18.80 -10.43 10.17
CA MET A 133 -19.44 -11.53 9.46
C MET A 133 -20.96 -11.38 9.61
N ALA A 134 -21.44 -11.19 10.85
CA ALA A 134 -22.89 -11.06 11.08
C ALA A 134 -23.50 -9.91 10.31
N ALA A 135 -22.83 -8.77 10.30
CA ALA A 135 -23.37 -7.62 9.58
C ALA A 135 -23.42 -7.84 8.05
N ARG A 136 -22.49 -8.64 7.53
CA ARG A 136 -22.48 -8.93 6.10
C ARG A 136 -23.48 -10.04 5.75
N LEU A 137 -23.57 -11.07 6.60
CA LEU A 137 -24.50 -12.18 6.35
C LEU A 137 -25.97 -11.77 6.43
N GLU A 138 -26.30 -10.88 7.36
CA GLU A 138 -27.66 -10.40 7.53
C GLU A 138 -27.57 -8.91 7.81
N PRO A 139 -27.52 -8.10 6.75
CA PRO A 139 -27.42 -6.65 6.92
C PRO A 139 -28.57 -5.99 7.68
N ARG A 140 -29.66 -6.71 7.88
CA ARG A 140 -30.77 -6.12 8.61
C ARG A 140 -30.48 -5.88 10.08
N ILE A 141 -29.47 -6.54 10.64
CA ILE A 141 -29.15 -6.32 12.03
C ILE A 141 -28.50 -4.97 12.33
N VAL A 142 -27.90 -4.31 11.35
CA VAL A 142 -27.25 -3.04 11.70
C VAL A 142 -28.27 -1.97 12.09
N ASP A 143 -29.46 -1.99 11.50
CA ASP A 143 -30.46 -1.00 11.88
C ASP A 143 -31.21 -1.37 13.15
N ARG A 144 -31.16 -2.64 13.57
CA ARG A 144 -31.89 -3.09 14.75
C ARG A 144 -31.07 -3.00 16.01
N VAL A 145 -29.77 -3.10 15.85
CA VAL A 145 -28.91 -3.01 17.02
C VAL A 145 -29.06 -1.62 17.62
N LYS A 146 -29.06 -1.53 18.95
CA LYS A 146 -29.17 -0.22 19.60
C LYS A 146 -27.91 0.58 19.33
N GLU A 147 -26.76 -0.02 19.64
CA GLU A 147 -25.49 0.63 19.41
C GLU A 147 -24.41 -0.38 19.68
N VAL A 148 -23.17 -0.08 19.26
CA VAL A 148 -22.04 -0.97 19.48
C VAL A 148 -21.05 -0.25 20.38
N VAL A 149 -20.62 -0.87 21.47
CA VAL A 149 -19.69 -0.22 22.38
C VAL A 149 -18.58 -1.24 22.48
N LEU A 150 -17.43 -0.92 21.88
CA LEU A 150 -16.33 -1.88 21.81
C LEU A 150 -15.09 -1.41 22.50
N MET A 151 -14.30 -2.36 23.02
CA MET A 151 -13.04 -1.98 23.57
C MET A 151 -12.03 -2.24 22.44
N GLY A 152 -11.39 -1.19 21.95
CA GLY A 152 -10.41 -1.36 20.90
C GLY A 152 -9.99 -0.02 20.33
N GLY A 153 -8.82 0.01 19.69
CA GLY A 153 -8.34 1.24 19.09
C GLY A 153 -7.53 2.13 20.01
N GLY A 154 -7.27 3.33 19.52
CA GLY A 154 -6.50 4.30 20.26
C GLY A 154 -6.25 5.45 19.32
N TYR A 155 -6.93 6.58 19.50
CA TYR A 155 -6.71 7.70 18.61
C TYR A 155 -5.31 8.35 18.77
N HIS A 156 -4.65 8.20 19.92
CA HIS A 156 -3.31 8.77 20.09
C HIS A 156 -2.33 7.81 20.76
N GLU A 157 -2.72 6.55 20.90
CA GLU A 157 -1.84 5.54 21.52
C GLU A 157 -2.05 4.22 20.83
N GLY A 158 -1.05 3.35 20.93
CA GLY A 158 -1.13 2.03 20.33
C GLY A 158 -0.40 1.11 21.28
N ASN A 159 -0.50 -0.19 21.07
CA ASN A 159 0.23 -1.11 21.94
C ASN A 159 0.87 -2.20 21.12
N ALA A 160 0.11 -2.74 20.16
CA ALA A 160 0.63 -3.79 19.29
C ALA A 160 1.74 -3.18 18.50
N THR A 161 1.52 -1.95 18.01
CA THR A 161 2.54 -1.19 17.29
C THR A 161 2.53 0.21 17.91
N SER A 162 3.37 1.10 17.38
CA SER A 162 3.42 2.42 17.94
C SER A 162 2.11 3.19 17.81
N VAL A 163 1.28 2.86 16.83
CA VAL A 163 0.03 3.58 16.65
C VAL A 163 -1.22 2.67 16.58
N ALA A 164 -1.04 1.36 16.70
CA ALA A 164 -2.21 0.49 16.58
C ALA A 164 -2.43 -0.40 17.80
N GLU A 165 -3.71 -0.61 18.08
CA GLU A 165 -4.16 -1.40 19.21
C GLU A 165 -4.47 -2.85 18.76
N PHE A 166 -4.04 -3.82 19.56
CA PHE A 166 -4.21 -5.23 19.28
C PHE A 166 -5.54 -5.68 18.67
N ASN A 167 -6.67 -5.44 19.33
CA ASN A 167 -7.97 -5.86 18.80
C ASN A 167 -8.26 -5.42 17.39
N ILE A 168 -7.79 -4.26 17.01
CA ILE A 168 -8.06 -3.78 15.67
C ILE A 168 -7.10 -4.39 14.65
N ILE A 169 -5.83 -4.48 15.02
CA ILE A 169 -4.82 -4.98 14.10
C ILE A 169 -4.90 -6.45 13.76
N ILE A 170 -5.45 -7.27 14.65
CA ILE A 170 -5.56 -8.70 14.32
C ILE A 170 -6.58 -8.99 13.22
N ASP A 171 -7.42 -8.01 12.89
CA ASP A 171 -8.36 -8.18 11.83
C ASP A 171 -8.79 -6.81 11.41
N PRO A 172 -7.96 -6.14 10.62
CA PRO A 172 -8.26 -4.79 10.16
C PRO A 172 -9.47 -4.72 9.26
N GLU A 173 -9.68 -5.72 8.40
CA GLU A 173 -10.82 -5.59 7.50
C GLU A 173 -12.12 -5.73 8.21
N ALA A 174 -12.15 -6.58 9.25
CA ALA A 174 -13.36 -6.71 10.05
C ALA A 174 -13.66 -5.36 10.74
N ALA A 175 -12.62 -4.73 11.31
CA ALA A 175 -12.77 -3.42 12.00
C ALA A 175 -13.25 -2.37 10.99
N HIS A 176 -12.68 -2.39 9.80
CA HIS A 176 -13.09 -1.47 8.75
C HIS A 176 -14.58 -1.66 8.47
N ILE A 177 -15.07 -2.91 8.49
CA ILE A 177 -16.47 -3.17 8.19
C ILE A 177 -17.31 -2.59 9.29
N VAL A 178 -16.95 -2.88 10.53
CA VAL A 178 -17.72 -2.38 11.67
C VAL A 178 -17.82 -0.85 11.78
N PHE A 179 -16.69 -0.16 11.68
CA PHE A 179 -16.68 1.29 11.80
C PHE A 179 -17.36 1.99 10.66
N ASN A 180 -17.55 1.29 9.55
CA ASN A 180 -18.17 1.90 8.41
C ASN A 180 -19.63 1.64 8.21
N GLU A 181 -20.24 0.79 9.04
CA GLU A 181 -21.68 0.57 8.95
C GLU A 181 -22.34 1.80 9.61
N SER A 182 -23.62 2.04 9.33
CA SER A 182 -24.26 3.23 9.88
C SER A 182 -24.66 3.21 11.35
N TRP A 183 -24.47 2.08 12.04
CA TRP A 183 -24.86 2.00 13.43
C TRP A 183 -23.94 2.90 14.25
N GLN A 184 -24.37 3.22 15.46
CA GLN A 184 -23.60 4.07 16.38
C GLN A 184 -22.47 3.27 17.00
N VAL A 185 -21.25 3.80 16.92
CA VAL A 185 -20.10 3.09 17.47
C VAL A 185 -19.41 3.95 18.52
N THR A 186 -19.16 3.40 19.70
CA THR A 186 -18.44 4.13 20.76
C THR A 186 -17.13 3.39 20.89
N MET A 187 -16.03 4.07 20.60
CA MET A 187 -14.76 3.39 20.70
C MET A 187 -14.11 3.67 22.05
N VAL A 188 -14.00 2.63 22.88
CA VAL A 188 -13.36 2.77 24.18
C VAL A 188 -11.93 2.28 23.96
N GLY A 189 -11.07 3.20 23.51
CA GLY A 189 -9.70 2.84 23.21
C GLY A 189 -8.67 2.95 24.29
N LEU A 190 -7.41 2.69 23.93
CA LEU A 190 -6.31 2.73 24.88
C LEU A 190 -6.16 4.08 25.57
N ASP A 191 -6.60 5.14 24.88
CA ASP A 191 -6.51 6.50 25.42
C ASP A 191 -7.23 6.52 26.77
N LEU A 192 -8.36 5.83 26.81
CA LEU A 192 -9.16 5.74 28.01
C LEU A 192 -8.67 4.61 28.92
N THR A 193 -8.67 3.39 28.40
CA THR A 193 -8.31 2.25 29.20
C THR A 193 -6.99 2.29 29.89
N HIS A 194 -6.06 3.12 29.43
CA HIS A 194 -4.78 3.18 30.12
C HIS A 194 -4.93 3.88 31.50
N GLN A 195 -6.11 4.42 31.78
CA GLN A 195 -6.43 5.08 33.04
C GLN A 195 -7.04 4.11 34.06
N ALA A 196 -7.56 2.98 33.58
CA ALA A 196 -8.18 2.00 34.45
C ALA A 196 -7.13 1.12 35.06
N LEU A 197 -6.26 1.72 35.88
CA LEU A 197 -5.20 0.99 36.54
C LEU A 197 -5.66 0.24 37.78
N ALA A 198 -5.16 -0.99 37.95
CA ALA A 198 -5.49 -1.77 39.13
C ALA A 198 -4.34 -1.56 40.11
N THR A 199 -4.43 -0.50 40.90
CA THR A 199 -3.41 -0.15 41.89
C THR A 199 -3.58 -0.92 43.19
N PRO A 200 -2.52 -0.99 44.02
CA PRO A 200 -2.56 -1.72 45.31
C PRO A 200 -3.86 -1.52 46.14
N PRO A 201 -4.31 -0.26 46.32
CA PRO A 201 -5.53 0.00 47.09
C PRO A 201 -6.72 -0.79 46.53
N ILE A 202 -6.84 -0.81 45.21
CA ILE A 202 -7.93 -1.50 44.55
C ILE A 202 -7.83 -2.99 44.78
N LEU A 203 -6.64 -3.53 44.59
CA LEU A 203 -6.48 -4.96 44.79
C LEU A 203 -6.78 -5.33 46.24
N GLN A 204 -6.46 -4.43 47.16
CA GLN A 204 -6.73 -4.64 48.59
C GLN A 204 -8.24 -4.66 48.81
N ARG A 205 -8.95 -3.68 48.24
CA ARG A 205 -10.40 -3.62 48.39
C ARG A 205 -11.02 -4.91 47.84
N VAL A 206 -10.39 -5.50 46.83
CA VAL A 206 -10.87 -6.75 46.23
C VAL A 206 -10.63 -7.95 47.16
N LYS A 207 -9.43 -8.06 47.71
CA LYS A 207 -9.11 -9.15 48.62
C LYS A 207 -10.11 -9.19 49.78
N GLU A 208 -10.54 -8.02 50.21
CA GLU A 208 -11.48 -7.93 51.31
C GLU A 208 -12.88 -8.44 51.03
N VAL A 209 -13.23 -8.62 49.76
CA VAL A 209 -14.56 -9.11 49.45
C VAL A 209 -14.64 -10.55 49.91
N ASP A 210 -13.47 -11.17 50.01
CA ASP A 210 -13.31 -12.54 50.47
C ASP A 210 -14.34 -13.59 50.00
N THR A 211 -14.48 -13.73 48.69
CA THR A 211 -15.36 -14.73 48.11
C THR A 211 -14.54 -15.47 47.06
N ASN A 212 -15.10 -16.55 46.54
CA ASN A 212 -14.37 -17.31 45.52
C ASN A 212 -14.11 -16.52 44.21
N PRO A 213 -15.15 -15.89 43.63
CA PRO A 213 -14.96 -15.11 42.40
C PRO A 213 -13.87 -14.05 42.64
N ALA A 214 -13.93 -13.43 43.81
CA ALA A 214 -12.97 -12.40 44.18
C ALA A 214 -11.55 -12.97 44.32
N ARG A 215 -11.43 -14.18 44.87
CA ARG A 215 -10.09 -14.74 44.99
C ARG A 215 -9.56 -15.06 43.61
N PHE A 216 -10.49 -15.43 42.71
CA PHE A 216 -10.16 -15.74 41.33
C PHE A 216 -9.61 -14.49 40.65
N MET A 217 -10.38 -13.41 40.70
CA MET A 217 -9.96 -12.16 40.11
C MET A 217 -8.62 -11.73 40.66
N LEU A 218 -8.46 -11.88 41.96
CA LEU A 218 -7.22 -11.48 42.59
C LEU A 218 -6.05 -12.24 41.99
N GLU A 219 -6.28 -13.52 41.76
CA GLU A 219 -5.25 -14.40 41.21
C GLU A 219 -4.83 -13.99 39.79
N ILE A 220 -5.80 -13.82 38.90
CA ILE A 220 -5.50 -13.43 37.53
C ILE A 220 -4.98 -12.00 37.46
N MET A 221 -5.53 -11.10 38.27
CA MET A 221 -5.08 -9.71 38.29
C MET A 221 -3.64 -9.66 38.70
N ASP A 222 -3.22 -10.66 39.49
CA ASP A 222 -1.86 -10.72 39.93
C ASP A 222 -0.93 -11.01 38.77
N TYR A 223 -1.26 -12.05 38.01
CA TYR A 223 -0.47 -12.47 36.86
C TYR A 223 -0.42 -11.33 35.83
N TYR A 224 -1.56 -10.71 35.59
CA TYR A 224 -1.70 -9.60 34.63
C TYR A 224 -0.74 -8.48 35.02
N THR A 225 -0.69 -8.19 36.32
CA THR A 225 0.17 -7.16 36.87
C THR A 225 1.63 -7.45 36.65
N LYS A 226 2.04 -8.69 36.87
CA LYS A 226 3.44 -9.08 36.66
C LYS A 226 3.86 -8.85 35.20
N ILE A 227 2.99 -9.20 34.26
CA ILE A 227 3.27 -9.02 32.84
C ILE A 227 3.44 -7.54 32.47
N TYR A 228 2.45 -6.72 32.81
CA TYR A 228 2.50 -5.29 32.52
C TYR A 228 3.73 -4.60 33.10
N GLN A 229 4.12 -4.95 34.31
CA GLN A 229 5.29 -4.33 34.92
C GLN A 229 6.55 -4.69 34.17
N SER A 230 6.59 -5.89 33.61
CA SER A 230 7.74 -6.33 32.85
C SER A 230 7.55 -5.97 31.37
N ASN A 231 6.94 -6.90 30.63
CA ASN A 231 6.67 -6.79 29.19
C ASN A 231 6.40 -5.41 28.60
N ARG A 232 5.16 -4.93 28.73
CA ARG A 232 4.76 -3.63 28.19
C ARG A 232 4.60 -2.60 29.32
N TYR A 233 5.75 -2.15 29.84
CA TYR A 233 5.88 -1.22 30.96
C TYR A 233 4.80 -0.21 31.36
N MET A 234 4.42 -0.33 32.62
CA MET A 234 3.45 0.51 33.33
C MET A 234 3.60 0.10 34.80
N ALA A 235 3.34 1.03 35.71
CA ALA A 235 3.46 0.73 37.15
C ALA A 235 2.44 -0.30 37.62
N ALA A 236 1.25 -0.28 37.01
CA ALA A 236 0.16 -1.18 37.34
C ALA A 236 -0.40 -1.67 36.01
N ALA A 237 -1.31 -2.62 36.05
CA ALA A 237 -1.89 -3.14 34.82
C ALA A 237 -3.14 -2.37 34.51
N ALA A 238 -3.43 -2.21 33.21
CA ALA A 238 -4.65 -1.49 32.78
C ALA A 238 -5.68 -2.57 32.46
N VAL A 239 -6.84 -2.56 33.09
CA VAL A 239 -7.80 -3.59 32.80
C VAL A 239 -8.82 -2.99 31.83
N HIS A 240 -8.56 -3.19 30.55
CA HIS A 240 -9.37 -2.61 29.48
C HIS A 240 -10.84 -2.97 29.30
N ASP A 241 -11.10 -4.25 29.14
CA ASP A 241 -12.45 -4.68 28.83
C ASP A 241 -13.63 -4.25 29.68
N PRO A 242 -13.47 -4.25 31.00
CA PRO A 242 -14.59 -3.84 31.88
C PRO A 242 -15.06 -2.42 31.54
N CYS A 243 -14.15 -1.57 31.07
CA CYS A 243 -14.49 -0.18 30.74
C CYS A 243 -15.57 -0.12 29.69
N ALA A 244 -15.56 -1.07 28.77
CA ALA A 244 -16.59 -1.07 27.72
C ALA A 244 -17.95 -1.42 28.34
N VAL A 245 -17.97 -2.33 29.33
CA VAL A 245 -19.25 -2.69 29.96
C VAL A 245 -19.71 -1.55 30.90
N ALA A 246 -18.75 -0.95 31.61
CA ALA A 246 -19.06 0.17 32.51
C ALA A 246 -19.80 1.27 31.74
N TYR A 247 -19.32 1.60 30.55
CA TYR A 247 -20.02 2.65 29.80
C TYR A 247 -21.48 2.30 29.51
N VAL A 248 -21.80 1.02 29.35
CA VAL A 248 -23.20 0.65 29.08
C VAL A 248 -24.04 0.80 30.35
N ILE A 249 -23.44 0.45 31.48
CA ILE A 249 -24.09 0.56 32.79
C ILE A 249 -24.39 2.04 33.11
N ASP A 250 -23.35 2.89 33.12
CA ASP A 250 -23.51 4.31 33.40
C ASP A 250 -22.57 5.10 32.50
N PRO A 251 -23.12 5.72 31.45
CA PRO A 251 -22.33 6.51 30.52
C PRO A 251 -21.51 7.60 31.20
N SER A 252 -21.92 8.04 32.40
CA SER A 252 -21.17 9.09 33.04
C SER A 252 -19.82 8.65 33.59
N VAL A 253 -19.47 7.36 33.49
CA VAL A 253 -18.14 6.97 34.00
C VAL A 253 -17.03 7.49 33.13
N MET A 254 -17.35 8.00 31.95
CA MET A 254 -16.30 8.51 31.06
C MET A 254 -16.82 9.58 30.13
N THR A 255 -15.91 10.43 29.67
CA THR A 255 -16.26 11.50 28.75
C THR A 255 -16.00 10.97 27.34
N THR A 256 -16.77 11.41 26.36
CA THR A 256 -16.58 10.97 25.01
C THR A 256 -16.62 12.17 24.08
N GLU A 257 -15.95 12.04 22.93
CA GLU A 257 -15.90 13.06 21.90
C GLU A 257 -16.45 12.46 20.62
N ARG A 258 -17.29 13.21 19.94
CA ARG A 258 -17.88 12.74 18.71
C ARG A 258 -17.00 13.19 17.54
N VAL A 259 -16.29 12.23 16.94
CA VAL A 259 -15.41 12.51 15.82
C VAL A 259 -15.39 11.37 14.81
N PRO A 260 -15.03 11.66 13.55
CA PRO A 260 -14.96 10.64 12.50
C PRO A 260 -13.80 9.69 12.78
N VAL A 261 -14.02 8.39 12.65
CA VAL A 261 -12.96 7.39 12.86
C VAL A 261 -12.98 6.35 11.68
N ASP A 262 -11.82 6.05 11.09
CA ASP A 262 -11.75 5.08 10.00
C ASP A 262 -10.54 4.21 10.24
N ILE A 263 -10.46 3.06 9.56
CA ILE A 263 -9.36 2.12 9.77
C ILE A 263 -8.39 2.08 8.59
N GLU A 264 -7.11 2.12 8.91
CA GLU A 264 -6.07 2.09 7.89
C GLU A 264 -5.78 0.64 7.54
N LEU A 265 -5.99 0.32 6.26
CA LEU A 265 -5.74 -1.04 5.76
C LEU A 265 -4.43 -1.29 5.00
N THR A 266 -3.81 -0.25 4.46
CA THR A 266 -2.60 -0.46 3.65
C THR A 266 -1.29 0.12 4.12
N GLY A 267 -1.32 0.97 5.14
CA GLY A 267 -0.08 1.58 5.59
C GLY A 267 0.94 0.57 6.04
N LYS A 268 2.22 0.85 5.83
CA LYS A 268 3.29 -0.03 6.23
C LYS A 268 3.57 0.12 7.72
N LEU A 269 3.58 1.36 8.20
CA LEU A 269 3.80 1.65 9.61
C LEU A 269 2.48 1.79 10.37
N THR A 270 1.44 2.20 9.66
CA THR A 270 0.18 2.46 10.30
C THR A 270 -0.95 1.47 10.12
N LEU A 271 -0.62 0.25 9.75
CA LEU A 271 -1.67 -0.76 9.56
C LEU A 271 -2.50 -0.94 10.80
N GLY A 272 -3.82 -0.89 10.65
CA GLY A 272 -4.64 -1.11 11.83
C GLY A 272 -4.91 0.09 12.71
N MET A 273 -4.41 1.26 12.34
CA MET A 273 -4.64 2.43 13.14
C MET A 273 -6.06 2.91 13.02
N THR A 274 -6.62 3.42 14.11
CA THR A 274 -7.95 4.03 14.09
C THR A 274 -7.64 5.53 13.89
N VAL A 275 -7.79 6.02 12.66
CA VAL A 275 -7.49 7.40 12.38
C VAL A 275 -8.68 8.24 12.78
N ALA A 276 -8.49 9.17 13.71
CA ALA A 276 -9.61 10.04 14.13
C ALA A 276 -9.33 11.44 13.64
N ASP A 277 -10.34 12.11 13.11
CA ASP A 277 -10.17 13.46 12.63
C ASP A 277 -10.64 14.54 13.62
N PHE A 278 -9.72 15.04 14.44
CA PHE A 278 -10.01 16.09 15.42
C PHE A 278 -9.95 17.55 14.89
N ARG A 279 -9.63 17.74 13.61
CA ARG A 279 -9.55 19.09 13.05
C ARG A 279 -10.91 19.78 13.19
N ASN A 280 -10.90 21.00 13.69
CA ASN A 280 -12.16 21.70 13.88
C ASN A 280 -12.59 22.72 12.86
N PRO A 281 -13.85 22.56 12.41
CA PRO A 281 -15.19 22.53 11.83
C PRO A 281 -15.62 21.04 11.93
N ARG A 282 -15.78 20.57 13.16
CA ARG A 282 -16.18 19.18 13.38
C ARG A 282 -17.55 18.83 12.82
N PRO A 283 -17.63 17.71 12.08
CA PRO A 283 -18.77 17.13 11.39
C PRO A 283 -20.19 17.42 11.80
N GLU A 284 -20.56 17.12 13.04
CA GLU A 284 -21.96 17.31 13.48
C GLU A 284 -22.76 16.28 12.65
N HIS A 285 -23.32 15.29 13.35
CA HIS A 285 -24.04 14.16 12.73
C HIS A 285 -22.88 13.25 12.29
N CYS A 286 -22.34 12.53 13.26
CA CYS A 286 -21.20 11.65 13.06
C CYS A 286 -21.53 10.41 13.87
N HIS A 287 -21.58 9.24 13.22
CA HIS A 287 -21.95 8.01 13.92
C HIS A 287 -20.93 7.37 14.84
N THR A 288 -19.76 7.98 15.02
CA THR A 288 -18.75 7.39 15.89
C THR A 288 -18.30 8.38 16.94
N GLN A 289 -17.76 7.89 18.04
CA GLN A 289 -17.29 8.77 19.10
C GLN A 289 -16.27 8.00 19.91
N VAL A 290 -15.24 8.70 20.40
CA VAL A 290 -14.17 8.08 21.15
C VAL A 290 -14.28 8.44 22.63
N ALA A 291 -13.76 7.57 23.51
CA ALA A 291 -13.78 7.82 24.96
C ALA A 291 -12.50 8.56 25.34
N VAL A 292 -12.59 9.53 26.23
CA VAL A 292 -11.44 10.34 26.64
C VAL A 292 -10.97 10.23 28.10
N LYS A 293 -11.80 10.73 29.03
CA LYS A 293 -11.47 10.68 30.46
C LYS A 293 -12.32 9.70 31.28
N LEU A 294 -11.69 8.96 32.18
CA LEU A 294 -12.41 7.99 33.00
C LEU A 294 -12.55 8.48 34.45
N ASP A 295 -13.73 8.29 35.02
CA ASP A 295 -13.99 8.63 36.41
C ASP A 295 -13.47 7.41 37.17
N PHE A 296 -12.21 7.43 37.54
CA PHE A 296 -11.56 6.32 38.24
C PHE A 296 -12.27 5.71 39.44
N GLU A 297 -12.82 6.56 40.32
CA GLU A 297 -13.51 6.04 41.51
C GLU A 297 -14.81 5.36 41.18
N LYS A 298 -15.62 5.98 40.33
CA LYS A 298 -16.88 5.39 39.96
C LYS A 298 -16.66 4.07 39.23
N PHE A 299 -15.65 4.01 38.36
CA PHE A 299 -15.35 2.79 37.62
C PHE A 299 -15.08 1.63 38.57
N TRP A 300 -14.06 1.77 39.42
CA TRP A 300 -13.78 0.68 40.34
C TRP A 300 -14.91 0.40 41.33
N GLY A 301 -15.76 1.41 41.54
CA GLY A 301 -16.88 1.23 42.43
C GLY A 301 -17.80 0.19 41.84
N LEU A 302 -18.09 0.34 40.55
CA LEU A 302 -18.97 -0.58 39.83
C LEU A 302 -18.45 -2.01 39.86
N VAL A 303 -17.14 -2.19 39.71
CA VAL A 303 -16.57 -3.52 39.71
C VAL A 303 -16.75 -4.18 41.08
N LEU A 304 -16.28 -3.54 42.15
CA LEU A 304 -16.41 -4.07 43.51
C LEU A 304 -17.87 -4.33 43.88
N ASP A 305 -18.76 -3.44 43.49
CA ASP A 305 -20.17 -3.61 43.78
C ASP A 305 -20.68 -4.88 43.13
N ALA A 306 -20.18 -5.18 41.93
CA ALA A 306 -20.61 -6.39 41.21
C ALA A 306 -20.04 -7.61 41.89
N LEU A 307 -18.77 -7.54 42.29
CA LEU A 307 -18.16 -8.67 42.97
C LEU A 307 -18.95 -9.03 44.23
N GLU A 308 -19.41 -8.02 44.97
CA GLU A 308 -20.17 -8.24 46.19
C GLU A 308 -21.50 -8.88 45.91
N ARG A 309 -22.21 -8.41 44.89
CA ARG A 309 -23.50 -9.00 44.58
C ARG A 309 -23.43 -10.45 44.10
N ILE A 310 -22.38 -10.79 43.37
CA ILE A 310 -22.24 -12.15 42.88
C ILE A 310 -22.10 -13.03 44.10
N GLY A 311 -21.43 -12.48 45.10
CA GLY A 311 -21.25 -13.23 46.32
C GLY A 311 -20.39 -14.45 46.14
N ASP A 312 -20.86 -15.56 46.69
CA ASP A 312 -20.15 -16.82 46.65
C ASP A 312 -21.17 -17.91 46.32
N PRO A 313 -21.38 -18.19 45.02
CA PRO A 313 -22.35 -19.22 44.63
C PRO A 313 -21.75 -20.63 44.75
N ALA B 1 28.83 7.57 -34.98
CA ALA B 1 27.67 8.32 -35.56
C ALA B 1 26.56 8.53 -34.52
N LYS B 2 26.31 7.53 -33.68
CA LYS B 2 25.28 7.67 -32.64
C LYS B 2 25.94 7.86 -31.26
N LYS B 3 25.89 9.07 -30.74
CA LYS B 3 26.51 9.38 -29.44
C LYS B 3 25.65 8.83 -28.29
N ILE B 4 26.27 8.11 -27.35
CA ILE B 4 25.51 7.56 -26.25
C ILE B 4 26.26 7.72 -24.95
N ILE B 5 25.54 7.60 -23.83
CA ILE B 5 26.14 7.61 -22.52
C ILE B 5 25.68 6.25 -22.02
N LEU B 6 26.62 5.41 -21.59
CA LEU B 6 26.26 4.10 -21.13
C LEU B 6 26.33 4.17 -19.62
N ASP B 7 25.18 4.02 -18.94
CA ASP B 7 25.12 4.07 -17.46
C ASP B 7 24.93 2.62 -17.05
N CYS B 8 25.87 2.07 -16.31
CA CYS B 8 25.80 0.65 -16.00
C CYS B 8 26.41 0.27 -14.68
N ASP B 9 26.25 -0.99 -14.32
CA ASP B 9 26.76 -1.50 -13.08
C ASP B 9 27.54 -2.74 -13.36
N PRO B 10 28.64 -2.61 -14.11
CA PRO B 10 29.47 -3.75 -14.46
C PRO B 10 29.57 -4.94 -13.61
N GLY B 11 28.87 -5.92 -14.16
CA GLY B 11 28.77 -7.28 -13.68
C GLY B 11 29.06 -7.97 -15.04
N LEU B 12 28.85 -9.29 -15.10
CA LEU B 12 29.14 -10.07 -16.31
C LEU B 12 28.59 -9.52 -17.64
N ASP B 13 27.27 -9.38 -17.75
CA ASP B 13 26.76 -8.88 -19.02
C ASP B 13 27.00 -7.42 -19.34
N ASP B 14 27.19 -6.57 -18.32
CA ASP B 14 27.42 -5.14 -18.62
C ASP B 14 28.74 -5.03 -19.37
N ALA B 15 29.68 -5.90 -18.99
CA ALA B 15 31.00 -5.93 -19.64
C ALA B 15 30.86 -6.12 -21.17
N VAL B 16 30.03 -7.09 -21.58
CA VAL B 16 29.81 -7.35 -23.01
C VAL B 16 29.18 -6.16 -23.69
N ALA B 17 28.31 -5.43 -22.97
CA ALA B 17 27.67 -4.25 -23.56
C ALA B 17 28.74 -3.17 -23.82
N ILE B 18 29.74 -3.09 -22.94
CA ILE B 18 30.80 -2.10 -23.12
C ILE B 18 31.64 -2.47 -24.38
N LEU B 19 32.07 -3.74 -24.48
CA LEU B 19 32.84 -4.23 -25.64
C LEU B 19 32.06 -3.94 -26.94
N LEU B 20 30.79 -4.31 -26.98
CA LEU B 20 30.00 -4.04 -28.17
C LEU B 20 29.90 -2.54 -28.50
N ALA B 21 29.74 -1.70 -27.48
CA ALA B 21 29.60 -0.26 -27.71
C ALA B 21 30.88 0.32 -28.22
N HIS B 22 31.99 -0.24 -27.75
CA HIS B 22 33.31 0.24 -28.16
C HIS B 22 33.65 -0.25 -29.58
N GLY B 23 33.58 -1.56 -29.77
CA GLY B 23 33.91 -2.13 -31.06
C GLY B 23 33.04 -1.70 -32.23
N ASN B 24 31.76 -1.49 -32.03
CA ASN B 24 30.94 -1.12 -33.19
C ASN B 24 31.20 0.29 -33.71
N PRO B 25 31.41 0.43 -35.02
CA PRO B 25 31.66 1.71 -35.69
C PRO B 25 30.50 2.69 -35.72
N GLU B 26 29.32 2.22 -35.36
CA GLU B 26 28.14 3.09 -35.42
C GLU B 26 27.88 3.89 -34.15
N ILE B 27 28.49 3.44 -33.06
CA ILE B 27 28.33 4.05 -31.76
C ILE B 27 29.49 4.96 -31.37
N GLU B 28 29.19 6.14 -30.84
CA GLU B 28 30.23 7.03 -30.36
C GLU B 28 29.97 7.13 -28.83
N LEU B 29 30.82 6.49 -28.06
CA LEU B 29 30.71 6.45 -26.61
C LEU B 29 31.21 7.72 -25.89
N LEU B 30 30.31 8.65 -25.52
CA LEU B 30 30.72 9.87 -24.80
C LEU B 30 31.20 9.65 -23.35
N ALA B 31 30.64 8.67 -22.65
CA ALA B 31 31.05 8.39 -21.26
C ALA B 31 30.45 7.09 -20.73
N ILE B 32 31.09 6.54 -19.71
CA ILE B 32 30.61 5.32 -19.09
C ILE B 32 30.41 5.79 -17.64
N THR B 33 29.17 5.76 -17.13
CA THR B 33 28.90 6.20 -15.75
C THR B 33 28.43 5.00 -15.00
N THR B 34 28.77 4.89 -13.71
CA THR B 34 28.35 3.72 -12.92
C THR B 34 27.31 4.00 -11.78
N VAL B 35 26.59 2.93 -11.32
CA VAL B 35 25.57 2.98 -10.26
C VAL B 35 25.63 1.73 -9.43
N VAL B 36 25.01 1.75 -8.23
CA VAL B 36 24.97 0.55 -7.39
C VAL B 36 24.05 -0.44 -8.14
N GLY B 37 24.17 -1.72 -7.83
CA GLY B 37 23.28 -2.69 -8.45
C GLY B 37 23.84 -4.08 -8.29
N ASN B 38 24.42 -4.61 -9.36
CA ASN B 38 24.99 -5.94 -9.32
C ASN B 38 25.92 -6.07 -8.15
N GLN B 39 26.67 -5.01 -7.86
CA GLN B 39 27.58 -4.95 -6.70
C GLN B 39 27.57 -3.52 -6.15
N THR B 40 28.35 -3.24 -5.10
CA THR B 40 28.41 -1.91 -4.52
C THR B 40 29.16 -0.98 -5.48
N LEU B 41 28.78 0.29 -5.50
CA LEU B 41 29.38 1.30 -6.40
C LEU B 41 30.89 1.21 -6.56
N ALA B 42 31.57 0.92 -5.48
CA ALA B 42 33.01 0.85 -5.56
C ALA B 42 33.43 -0.29 -6.49
N LYS B 43 32.94 -1.51 -6.18
CA LYS B 43 33.29 -2.70 -6.98
C LYS B 43 32.94 -2.54 -8.45
N VAL B 44 31.73 -2.09 -8.70
CA VAL B 44 31.25 -1.90 -10.04
C VAL B 44 32.09 -0.91 -10.81
N THR B 45 32.56 0.13 -10.13
CA THR B 45 33.38 1.16 -10.81
C THR B 45 34.75 0.62 -11.19
N ARG B 46 35.34 -0.16 -10.26
CA ARG B 46 36.62 -0.80 -10.45
C ARG B 46 36.48 -1.74 -11.67
N ASN B 47 35.35 -2.47 -11.73
CA ASN B 47 35.08 -3.38 -12.86
C ASN B 47 35.01 -2.63 -14.18
N ALA B 48 34.34 -1.47 -14.22
CA ALA B 48 34.26 -0.70 -15.46
C ALA B 48 35.67 -0.28 -15.95
N GLN B 49 36.57 -0.02 -15.00
CA GLN B 49 37.96 0.36 -15.36
C GLN B 49 38.65 -0.88 -15.95
N LEU B 50 38.50 -2.01 -15.26
CA LEU B 50 39.09 -3.27 -15.76
C LEU B 50 38.69 -3.55 -17.24
N VAL B 51 37.41 -3.59 -17.57
CA VAL B 51 37.08 -3.87 -18.96
C VAL B 51 37.48 -2.74 -19.90
N ALA B 52 37.46 -1.50 -19.41
CA ALA B 52 37.86 -0.38 -20.29
C ALA B 52 39.35 -0.54 -20.65
N ASP B 53 40.11 -1.10 -19.70
CA ASP B 53 41.54 -1.34 -19.93
C ASP B 53 41.70 -2.46 -20.97
N ILE B 54 41.06 -3.60 -20.69
CA ILE B 54 41.12 -4.76 -21.58
C ILE B 54 40.73 -4.46 -23.00
N ALA B 55 39.70 -3.65 -23.22
CA ALA B 55 39.27 -3.30 -24.58
C ALA B 55 40.09 -2.14 -25.16
N GLY B 56 41.04 -1.64 -24.36
CA GLY B 56 41.85 -0.52 -24.81
C GLY B 56 41.11 0.78 -25.09
N ILE B 57 40.14 1.10 -24.24
CA ILE B 57 39.39 2.35 -24.47
C ILE B 57 40.20 3.55 -23.97
N THR B 58 40.20 4.63 -24.75
CA THR B 58 40.89 5.87 -24.33
C THR B 58 40.05 7.06 -24.76
N GLY B 59 40.14 8.15 -24.02
CA GLY B 59 39.38 9.34 -24.39
C GLY B 59 37.94 9.32 -23.94
N VAL B 60 37.60 8.36 -23.09
CA VAL B 60 36.22 8.23 -22.59
C VAL B 60 36.25 8.29 -21.07
N PRO B 61 35.58 9.29 -20.49
CA PRO B 61 35.54 9.42 -19.02
C PRO B 61 34.67 8.37 -18.35
N ILE B 62 35.16 7.86 -17.22
CA ILE B 62 34.45 6.87 -16.42
C ILE B 62 34.14 7.59 -15.10
N ALA B 63 32.88 7.97 -14.93
CA ALA B 63 32.42 8.67 -13.73
C ALA B 63 31.47 7.87 -12.79
N ALA B 64 31.85 7.70 -11.52
CA ALA B 64 30.96 7.02 -10.57
C ALA B 64 29.75 7.91 -10.23
N GLY B 65 28.66 7.26 -9.82
CA GLY B 65 27.43 7.98 -9.48
C GLY B 65 26.86 7.57 -8.11
N CYS B 66 25.54 7.50 -7.99
CA CYS B 66 24.90 7.17 -6.70
C CYS B 66 25.27 5.83 -6.12
N ASP B 67 25.60 5.80 -4.83
CA ASP B 67 26.00 4.58 -4.17
C ASP B 67 24.85 3.92 -3.41
N LYS B 68 23.65 4.50 -3.51
CA LYS B 68 22.44 4.01 -2.80
C LYS B 68 21.21 4.32 -3.60
N PRO B 69 20.14 3.54 -3.40
CA PRO B 69 18.90 3.80 -4.11
C PRO B 69 18.34 5.13 -3.54
N LEU B 70 17.44 5.75 -4.28
CA LEU B 70 16.84 6.99 -3.84
C LEU B 70 16.19 6.89 -2.46
N VAL B 71 15.32 5.92 -2.23
CA VAL B 71 14.60 5.80 -0.95
C VAL B 71 14.78 4.46 -0.22
N ARG B 72 14.84 3.37 -0.97
CA ARG B 72 14.95 2.02 -0.42
C ARG B 72 16.35 1.66 0.03
N LYS B 73 16.45 0.56 0.75
CA LYS B 73 17.76 0.13 1.23
C LYS B 73 18.49 -0.60 0.12
N ILE B 74 19.82 -0.51 0.13
CA ILE B 74 20.67 -1.16 -0.87
C ILE B 74 20.37 -2.66 -1.03
N MET B 75 20.41 -3.13 -2.27
CA MET B 75 20.13 -4.53 -2.58
C MET B 75 21.03 -4.86 -3.80
N THR B 76 21.93 -5.81 -3.63
CA THR B 76 22.85 -6.15 -4.72
C THR B 76 22.61 -7.60 -5.22
N ALA B 77 23.32 -8.00 -6.27
CA ALA B 77 23.16 -9.33 -6.84
C ALA B 77 24.51 -10.08 -6.94
N GLY B 78 25.26 -10.09 -5.83
CA GLY B 78 26.55 -10.76 -5.76
C GLY B 78 26.52 -12.28 -5.94
N HIS B 79 25.34 -12.89 -5.79
CA HIS B 79 25.18 -14.34 -5.96
C HIS B 79 25.18 -14.74 -7.45
N ILE B 80 25.01 -13.74 -8.32
CA ILE B 80 25.00 -13.96 -9.75
C ILE B 80 26.36 -13.55 -10.33
N HIS B 81 26.88 -12.41 -9.87
CA HIS B 81 28.15 -11.89 -10.41
C HIS B 81 29.41 -12.08 -9.56
N GLY B 82 29.29 -12.92 -8.53
CA GLY B 82 30.44 -13.16 -7.66
C GLY B 82 30.58 -11.96 -6.72
N GLU B 83 31.55 -12.05 -5.80
CA GLU B 83 31.77 -10.96 -4.84
C GLU B 83 32.34 -9.71 -5.54
N SER B 84 33.27 -9.93 -6.46
CA SER B 84 33.89 -8.82 -7.23
C SER B 84 32.88 -8.15 -8.19
N GLY B 85 31.76 -8.83 -8.48
CA GLY B 85 30.80 -8.29 -9.41
C GLY B 85 31.19 -8.66 -10.85
N MET B 86 32.48 -8.95 -11.05
CA MET B 86 33.05 -9.32 -12.37
C MET B 86 33.42 -10.80 -12.32
N GLY B 87 32.56 -11.54 -11.62
CA GLY B 87 32.71 -12.97 -11.47
C GLY B 87 34.02 -13.46 -10.89
N THR B 88 34.96 -13.83 -11.78
CA THR B 88 36.21 -14.41 -11.37
C THR B 88 37.45 -13.87 -12.06
N VAL B 89 37.50 -12.57 -12.30
CA VAL B 89 38.68 -11.98 -12.92
C VAL B 89 39.60 -11.31 -11.84
N ALA B 90 40.90 -11.27 -12.09
CA ALA B 90 41.95 -10.74 -11.21
C ALA B 90 42.18 -9.40 -11.77
N TYR B 91 42.35 -8.46 -10.88
CA TYR B 91 42.53 -7.09 -11.31
C TYR B 91 43.99 -6.77 -11.41
N PRO B 92 44.32 -5.78 -12.25
CA PRO B 92 45.71 -5.35 -12.42
C PRO B 92 46.14 -4.54 -11.21
N ALA B 93 47.45 -4.30 -11.12
CA ALA B 93 48.02 -3.52 -10.01
C ALA B 93 47.54 -2.08 -10.10
N GLU B 94 47.51 -1.59 -11.33
CA GLU B 94 47.10 -0.22 -11.55
C GLU B 94 46.27 -0.20 -12.83
N PHE B 95 45.31 0.70 -12.87
CA PHE B 95 44.45 0.81 -14.03
C PHE B 95 44.95 1.96 -14.86
N LYS B 96 44.88 1.81 -16.18
CA LYS B 96 45.34 2.86 -17.04
C LYS B 96 44.24 3.91 -17.04
N ASN B 97 42.98 3.46 -17.02
CA ASN B 97 41.84 4.39 -17.02
C ASN B 97 41.53 4.74 -15.57
N LYS B 98 41.37 6.03 -15.32
CA LYS B 98 41.11 6.54 -13.97
C LYS B 98 39.67 7.03 -13.85
N VAL B 99 39.12 6.94 -12.64
CA VAL B 99 37.77 7.42 -12.41
C VAL B 99 37.77 8.95 -12.45
N ASP B 100 36.91 9.53 -13.27
CA ASP B 100 36.80 10.97 -13.42
C ASP B 100 36.54 11.64 -12.07
N GLU B 101 36.70 12.95 -12.04
CA GLU B 101 36.51 13.74 -10.84
C GLU B 101 35.06 14.08 -10.58
N ARG B 102 34.33 14.35 -11.66
CA ARG B 102 32.93 14.70 -11.56
C ARG B 102 32.02 13.52 -11.16
N HIS B 103 30.88 13.87 -10.56
CA HIS B 103 29.89 12.89 -10.16
C HIS B 103 29.14 12.59 -11.47
N ALA B 104 28.84 11.32 -11.69
CA ALA B 104 28.12 10.88 -12.88
C ALA B 104 26.91 11.74 -13.16
N VAL B 105 26.18 12.08 -12.10
CA VAL B 105 24.97 12.92 -12.29
C VAL B 105 25.32 14.27 -12.92
N ASN B 106 26.45 14.83 -12.48
CA ASN B 106 26.85 16.12 -13.01
C ASN B 106 27.42 15.97 -14.41
N LEU B 107 28.20 14.91 -14.63
CA LEU B 107 28.77 14.67 -15.97
C LEU B 107 27.66 14.52 -17.02
N ILE B 108 26.64 13.69 -16.71
CA ILE B 108 25.52 13.49 -17.62
C ILE B 108 24.84 14.84 -17.91
N ILE B 109 24.61 15.64 -16.88
CA ILE B 109 23.94 16.92 -17.12
C ILE B 109 24.82 17.82 -17.99
N ASP B 110 26.12 17.73 -17.72
CA ASP B 110 27.11 18.51 -18.45
C ASP B 110 27.09 18.18 -19.96
N LEU B 111 27.25 16.89 -20.28
CA LEU B 111 27.28 16.45 -21.66
C LEU B 111 26.00 16.83 -22.39
N VAL B 112 24.87 16.55 -21.78
CA VAL B 112 23.62 16.85 -22.46
C VAL B 112 23.40 18.33 -22.69
N MET B 113 23.76 19.17 -21.73
CA MET B 113 23.51 20.62 -21.87
C MET B 113 24.50 21.27 -22.82
N SER B 114 25.70 20.73 -22.88
CA SER B 114 26.69 21.28 -23.78
C SER B 114 26.62 20.82 -25.22
N HIS B 115 25.96 19.71 -25.51
CA HIS B 115 25.83 19.27 -26.91
C HIS B 115 24.54 19.77 -27.55
N GLU B 116 24.45 19.60 -28.86
CA GLU B 116 23.27 20.01 -29.61
C GLU B 116 22.10 19.15 -29.18
N PRO B 117 20.90 19.74 -29.18
CA PRO B 117 19.67 19.03 -28.80
C PRO B 117 19.44 17.77 -29.64
N LYS B 118 18.89 16.74 -29.00
CA LYS B 118 18.53 15.49 -29.65
C LYS B 118 19.66 14.72 -30.32
N THR B 119 20.83 14.75 -29.73
CA THR B 119 21.92 14.04 -30.38
C THR B 119 22.48 12.95 -29.49
N ILE B 120 22.13 12.99 -28.20
CA ILE B 120 22.61 11.97 -27.27
C ILE B 120 21.49 11.03 -26.83
N THR B 121 21.75 9.73 -26.81
CA THR B 121 20.71 8.83 -26.33
C THR B 121 21.31 8.17 -25.11
N LEU B 122 20.52 8.08 -24.03
CA LEU B 122 20.99 7.47 -22.78
C LEU B 122 20.70 6.00 -22.83
N VAL B 123 21.67 5.18 -22.41
CA VAL B 123 21.53 3.75 -22.42
C VAL B 123 21.85 3.17 -21.06
N PRO B 124 20.86 3.14 -20.16
CA PRO B 124 21.03 2.61 -18.82
C PRO B 124 20.87 1.10 -18.86
N THR B 125 21.77 0.36 -18.22
CA THR B 125 21.68 -1.09 -18.14
C THR B 125 21.88 -1.53 -16.68
N GLY B 126 21.54 -0.63 -15.77
CA GLY B 126 21.61 -0.89 -14.33
C GLY B 126 20.38 -0.26 -13.66
N GLY B 127 20.44 -0.04 -12.33
CA GLY B 127 19.30 0.60 -11.65
C GLY B 127 19.20 2.01 -12.19
N LEU B 128 18.02 2.61 -12.18
CA LEU B 128 17.84 3.93 -12.74
C LEU B 128 18.14 5.18 -11.86
N THR B 129 18.84 4.98 -10.75
CA THR B 129 19.15 6.07 -9.81
C THR B 129 19.79 7.34 -10.40
N ASN B 130 20.92 7.21 -11.11
CA ASN B 130 21.61 8.36 -11.68
C ASN B 130 20.73 9.06 -12.70
N ILE B 131 19.96 8.32 -13.49
CA ILE B 131 19.13 8.98 -14.55
C ILE B 131 18.05 9.81 -13.92
N ALA B 132 17.45 9.28 -12.85
CA ALA B 132 16.36 9.98 -12.15
C ALA B 132 16.89 11.24 -11.47
N MET B 133 17.97 11.10 -10.73
CA MET B 133 18.59 12.26 -10.07
C MET B 133 18.85 13.36 -11.11
N ALA B 134 19.55 13.03 -12.20
CA ALA B 134 19.83 14.02 -13.25
C ALA B 134 18.59 14.69 -13.76
N ALA B 135 17.55 13.93 -14.06
CA ALA B 135 16.33 14.55 -14.59
C ALA B 135 15.68 15.47 -13.56
N ARG B 136 15.87 15.19 -12.27
CA ARG B 136 15.22 16.04 -11.24
C ARG B 136 16.07 17.26 -10.98
N LEU B 137 17.38 17.08 -10.95
CA LEU B 137 18.31 18.16 -10.70
C LEU B 137 18.36 19.21 -11.81
N GLU B 138 18.20 18.78 -13.07
CA GLU B 138 18.19 19.70 -14.21
C GLU B 138 17.15 19.18 -15.18
N PRO B 139 15.88 19.55 -14.97
CA PRO B 139 14.81 19.09 -15.85
C PRO B 139 14.97 19.42 -17.30
N ARG B 140 15.90 20.30 -17.62
CA ARG B 140 16.08 20.68 -19.03
C ARG B 140 16.67 19.58 -19.88
N ILE B 141 17.27 18.58 -19.25
CA ILE B 141 17.82 17.49 -20.04
C ILE B 141 16.77 16.56 -20.65
N VAL B 142 15.56 16.46 -20.07
CA VAL B 142 14.60 15.54 -20.64
C VAL B 142 14.18 15.90 -22.06
N ASP B 143 14.09 17.18 -22.38
CA ASP B 143 13.71 17.54 -23.74
C ASP B 143 14.88 17.51 -24.72
N ARG B 144 16.11 17.48 -24.20
CA ARG B 144 17.29 17.48 -25.05
C ARG B 144 17.79 16.10 -25.39
N VAL B 145 17.51 15.15 -24.51
CA VAL B 145 17.94 13.79 -24.76
C VAL B 145 17.21 13.26 -26.01
N LYS B 146 17.89 12.52 -26.87
CA LYS B 146 17.23 12.00 -28.06
C LYS B 146 16.18 10.97 -27.64
N GLU B 147 16.61 10.00 -26.82
CA GLU B 147 15.72 8.97 -26.29
C GLU B 147 16.47 8.14 -25.28
N VAL B 148 15.74 7.37 -24.48
CA VAL B 148 16.35 6.51 -23.49
C VAL B 148 16.09 5.04 -23.91
N VAL B 149 17.13 4.20 -23.93
CA VAL B 149 16.96 2.81 -24.31
C VAL B 149 17.57 2.06 -23.16
N LEU B 150 16.75 1.48 -22.32
CA LEU B 150 17.29 0.81 -21.13
C LEU B 150 17.07 -0.68 -21.11
N MET B 151 17.93 -1.39 -20.39
CA MET B 151 17.73 -2.81 -20.24
C MET B 151 17.11 -2.93 -18.85
N GLY B 152 15.85 -3.35 -18.78
CA GLY B 152 15.21 -3.54 -17.50
C GLY B 152 13.73 -3.82 -17.67
N GLY B 153 13.12 -4.41 -16.64
CA GLY B 153 11.70 -4.70 -16.72
C GLY B 153 11.33 -6.04 -17.32
N GLY B 154 10.05 -6.20 -17.61
CA GLY B 154 9.55 -7.43 -18.16
C GLY B 154 8.04 -7.32 -18.11
N TYR B 155 7.37 -7.15 -19.24
CA TYR B 155 5.94 -7.06 -19.19
C TYR B 155 5.22 -8.38 -18.84
N HIS B 156 5.85 -9.53 -19.05
CA HIS B 156 5.21 -10.80 -18.70
C HIS B 156 6.17 -11.77 -18.01
N GLU B 157 7.34 -11.30 -17.60
CA GLU B 157 8.30 -12.15 -16.93
C GLU B 157 9.00 -11.36 -15.86
N GLY B 158 9.61 -12.06 -14.92
CA GLY B 158 10.32 -11.37 -13.88
C GLY B 158 11.44 -12.30 -13.50
N ASN B 159 12.39 -11.81 -12.70
CA ASN B 159 13.46 -12.66 -12.24
C ASN B 159 13.69 -12.48 -10.77
N ALA B 160 13.74 -11.23 -10.31
CA ALA B 160 13.99 -10.95 -8.89
C ALA B 160 12.79 -11.50 -8.15
N THR B 161 11.62 -11.30 -8.69
CA THR B 161 10.41 -11.85 -8.09
C THR B 161 9.64 -12.49 -9.26
N SER B 162 8.48 -13.06 -8.97
CA SER B 162 7.70 -13.68 -10.02
C SER B 162 7.29 -12.72 -11.13
N VAL B 163 7.16 -11.43 -10.83
CA VAL B 163 6.76 -10.47 -11.87
C VAL B 163 7.70 -9.25 -11.98
N ALA B 164 8.80 -9.22 -11.24
CA ALA B 164 9.64 -8.04 -11.35
C ALA B 164 11.08 -8.34 -11.67
N GLU B 165 11.65 -7.44 -12.45
CA GLU B 165 13.02 -7.57 -12.92
C GLU B 165 13.95 -6.77 -12.02
N PHE B 166 15.13 -7.34 -11.75
CA PHE B 166 16.13 -6.76 -10.87
C PHE B 166 16.43 -5.25 -10.98
N ASN B 167 16.76 -4.76 -12.17
CA ASN B 167 17.09 -3.35 -12.35
C ASN B 167 16.01 -2.42 -11.91
N ILE B 168 14.76 -2.81 -12.11
CA ILE B 168 13.68 -1.91 -11.71
C ILE B 168 13.37 -2.01 -10.22
N ILE B 169 13.43 -3.21 -9.66
CA ILE B 169 13.08 -3.37 -8.25
C ILE B 169 14.09 -2.82 -7.25
N ILE B 170 15.35 -2.70 -7.65
CA ILE B 170 16.31 -2.17 -6.69
C ILE B 170 16.10 -0.66 -6.43
N ASP B 171 15.28 -0.02 -7.26
CA ASP B 171 15.01 1.39 -7.06
C ASP B 171 13.79 1.67 -7.86
N PRO B 172 12.63 1.31 -7.32
CA PRO B 172 11.37 1.53 -8.00
C PRO B 172 11.05 3.00 -8.18
N GLU B 173 11.36 3.86 -7.19
CA GLU B 173 11.00 5.27 -7.36
C GLU B 173 11.79 5.95 -8.46
N ALA B 174 13.04 5.56 -8.63
CA ALA B 174 13.83 6.12 -9.72
C ALA B 174 13.18 5.64 -11.05
N ALA B 175 12.86 4.35 -11.16
CA ALA B 175 12.23 3.84 -12.38
C ALA B 175 10.94 4.57 -12.63
N HIS B 176 10.16 4.79 -11.57
CA HIS B 176 8.89 5.54 -11.71
C HIS B 176 9.15 6.94 -12.27
N ILE B 177 10.26 7.53 -11.86
CA ILE B 177 10.62 8.89 -12.34
C ILE B 177 10.96 8.86 -13.82
N VAL B 178 11.84 7.96 -14.19
CA VAL B 178 12.20 7.82 -15.60
C VAL B 178 11.04 7.47 -16.55
N PHE B 179 10.21 6.48 -16.20
CA PHE B 179 9.11 6.09 -17.08
C PHE B 179 8.03 7.14 -17.22
N ASN B 180 7.99 8.05 -16.26
CA ASN B 180 6.98 9.08 -16.31
C ASN B 180 7.37 10.43 -16.89
N GLU B 181 8.65 10.62 -17.22
CA GLU B 181 9.06 11.87 -17.86
C GLU B 181 8.58 11.76 -19.30
N SER B 182 8.51 12.87 -20.02
CA SER B 182 8.00 12.85 -21.39
C SER B 182 8.98 12.35 -22.45
N TRP B 183 10.21 12.06 -22.09
CA TRP B 183 11.10 11.58 -23.12
C TRP B 183 10.68 10.19 -23.65
N GLN B 184 11.21 9.78 -24.80
CA GLN B 184 10.89 8.47 -25.39
C GLN B 184 11.63 7.39 -24.65
N VAL B 185 10.93 6.34 -24.21
CA VAL B 185 11.59 5.25 -23.49
C VAL B 185 11.33 3.93 -24.23
N THR B 186 12.41 3.18 -24.47
CA THR B 186 12.32 1.86 -25.09
C THR B 186 12.72 0.88 -24.01
N MET B 187 11.80 0.00 -23.62
CA MET B 187 12.15 -0.93 -22.58
C MET B 187 12.55 -2.27 -23.15
N VAL B 188 13.84 -2.60 -23.01
CA VAL B 188 14.38 -3.87 -23.48
C VAL B 188 14.35 -4.78 -22.29
N GLY B 189 13.18 -5.40 -22.07
CA GLY B 189 12.97 -6.26 -20.91
C GLY B 189 13.31 -7.74 -20.99
N LEU B 190 13.08 -8.45 -19.90
CA LEU B 190 13.34 -9.88 -19.86
C LEU B 190 12.61 -10.65 -20.94
N ASP B 191 11.48 -10.14 -21.41
CA ASP B 191 10.71 -10.81 -22.44
C ASP B 191 11.59 -10.99 -23.65
N LEU B 192 12.38 -9.96 -23.96
CA LEU B 192 13.31 -10.01 -25.08
C LEU B 192 14.63 -10.67 -24.70
N THR B 193 15.31 -10.10 -23.71
CA THR B 193 16.60 -10.62 -23.34
C THR B 193 16.71 -12.09 -23.02
N HIS B 194 15.59 -12.74 -22.70
CA HIS B 194 15.70 -14.14 -22.41
C HIS B 194 15.96 -14.93 -23.70
N GLN B 195 15.89 -14.24 -24.84
CA GLN B 195 16.16 -14.85 -26.15
C GLN B 195 17.65 -14.76 -26.53
N ALA B 196 18.37 -13.83 -25.93
CA ALA B 196 19.78 -13.65 -26.24
C ALA B 196 20.64 -14.68 -25.51
N LEU B 197 20.45 -15.95 -25.86
CA LEU B 197 21.18 -17.03 -25.24
C LEU B 197 22.56 -17.22 -25.80
N ALA B 198 23.53 -17.50 -24.93
CA ALA B 198 24.90 -17.71 -25.34
C ALA B 198 25.06 -19.22 -25.40
N THR B 199 24.74 -19.81 -26.55
CA THR B 199 24.85 -21.26 -26.74
C THR B 199 26.25 -21.65 -27.18
N PRO B 200 26.60 -22.95 -27.01
CA PRO B 200 27.92 -23.49 -27.39
C PRO B 200 28.44 -22.98 -28.74
N PRO B 201 27.63 -23.05 -29.81
CA PRO B 201 28.11 -22.56 -31.10
C PRO B 201 28.65 -21.12 -31.00
N ILE B 202 27.90 -20.28 -30.28
CA ILE B 202 28.27 -18.89 -30.13
C ILE B 202 29.57 -18.77 -29.39
N LEU B 203 29.68 -19.51 -28.29
CA LEU B 203 30.89 -19.44 -27.50
C LEU B 203 32.08 -19.92 -28.31
N GLN B 204 31.83 -20.90 -29.17
CA GLN B 204 32.88 -21.44 -30.05
C GLN B 204 33.30 -20.35 -31.04
N ARG B 205 32.33 -19.71 -31.72
CA ARG B 205 32.67 -18.63 -32.65
C ARG B 205 33.51 -17.56 -31.93
N VAL B 206 33.28 -17.38 -30.62
CA VAL B 206 34.00 -16.39 -29.84
C VAL B 206 35.44 -16.83 -29.60
N LYS B 207 35.60 -18.08 -29.15
CA LYS B 207 36.94 -18.61 -28.90
C LYS B 207 37.84 -18.47 -30.15
N GLU B 208 37.23 -18.61 -31.32
CA GLU B 208 37.97 -18.51 -32.57
C GLU B 208 38.47 -17.12 -32.92
N VAL B 209 37.98 -16.09 -32.25
CA VAL B 209 38.46 -14.74 -32.54
C VAL B 209 39.89 -14.64 -32.02
N ASP B 210 40.20 -15.52 -31.06
CA ASP B 210 41.53 -15.63 -30.48
C ASP B 210 42.31 -14.33 -30.19
N THR B 211 41.71 -13.42 -29.41
CA THR B 211 42.35 -12.16 -29.02
C THR B 211 42.17 -12.07 -27.52
N ASN B 212 42.85 -11.11 -26.90
CA ASN B 212 42.73 -10.99 -25.44
C ASN B 212 41.31 -10.62 -24.96
N PRO B 213 40.66 -9.59 -25.56
CA PRO B 213 39.31 -9.21 -25.15
C PRO B 213 38.40 -10.44 -25.27
N ALA B 214 38.59 -11.18 -26.35
CA ALA B 214 37.80 -12.37 -26.63
C ALA B 214 38.05 -13.44 -25.58
N ARG B 215 39.29 -13.61 -25.16
CA ARG B 215 39.52 -14.63 -24.15
C ARG B 215 38.89 -14.19 -22.84
N PHE B 216 38.87 -12.88 -22.62
CA PHE B 216 38.27 -12.28 -21.42
C PHE B 216 36.78 -12.60 -21.40
N MET B 217 36.08 -12.23 -22.47
CA MET B 217 34.66 -12.50 -22.56
C MET B 217 34.37 -13.97 -22.39
N LEU B 218 35.21 -14.81 -22.99
CA LEU B 218 35.00 -16.24 -22.90
C LEU B 218 35.07 -16.70 -21.45
N GLU B 219 35.98 -16.10 -20.73
CA GLU B 219 36.18 -16.45 -19.33
C GLU B 219 34.97 -16.05 -18.47
N ILE B 220 34.50 -14.80 -18.60
CA ILE B 220 33.36 -14.37 -17.81
C ILE B 220 32.06 -15.05 -18.26
N MET B 221 31.92 -15.28 -19.57
CA MET B 221 30.71 -15.92 -20.13
C MET B 221 30.61 -17.30 -19.57
N ASP B 222 31.76 -17.86 -19.25
CA ASP B 222 31.82 -19.18 -18.71
C ASP B 222 31.21 -19.19 -17.31
N TYR B 223 31.72 -18.32 -16.47
CA TYR B 223 31.22 -18.19 -15.08
C TYR B 223 29.69 -17.88 -15.04
N TYR B 224 29.28 -16.92 -15.88
CA TYR B 224 27.90 -16.50 -16.04
C TYR B 224 27.05 -17.75 -16.38
N THR B 225 27.56 -18.59 -17.30
CA THR B 225 26.86 -19.81 -17.73
C THR B 225 26.67 -20.80 -16.60
N LYS B 226 27.71 -20.98 -15.80
CA LYS B 226 27.62 -21.89 -14.66
C LYS B 226 26.51 -21.46 -13.70
N ILE B 227 26.44 -20.15 -13.44
CA ILE B 227 25.41 -19.62 -12.52
C ILE B 227 23.97 -19.86 -13.03
N TYR B 228 23.69 -19.43 -14.27
CA TYR B 228 22.37 -19.58 -14.88
C TYR B 228 21.89 -21.05 -14.94
N GLN B 229 22.80 -21.97 -15.26
CA GLN B 229 22.41 -23.37 -15.30
C GLN B 229 22.02 -23.85 -13.92
N SER B 230 22.68 -23.34 -12.89
CA SER B 230 22.37 -23.73 -11.53
C SER B 230 21.28 -22.82 -10.96
N ASN B 231 21.72 -21.73 -10.33
CA ASN B 231 20.86 -20.73 -9.67
C ASN B 231 19.46 -20.47 -10.25
N ARG B 232 19.41 -19.67 -11.32
CA ARG B 232 18.15 -19.30 -11.95
C ARG B 232 18.03 -20.02 -13.31
N TYR B 233 17.74 -21.33 -13.22
CA TYR B 233 17.61 -22.26 -14.34
C TYR B 233 17.24 -21.82 -15.76
N MET B 234 18.14 -22.21 -16.67
CA MET B 234 18.05 -22.01 -18.13
C MET B 234 19.18 -22.85 -18.66
N ALA B 235 19.01 -23.37 -19.88
CA ALA B 235 20.04 -24.23 -20.52
C ALA B 235 21.38 -23.46 -20.81
N ALA B 236 21.25 -22.17 -21.12
CA ALA B 236 22.37 -21.30 -21.42
C ALA B 236 22.12 -20.01 -20.67
N ALA B 237 23.08 -19.10 -20.70
CA ALA B 237 22.92 -17.83 -20.00
C ALA B 237 22.33 -16.80 -20.94
N ALA B 238 21.51 -15.88 -20.43
CA ALA B 238 20.94 -14.83 -21.27
C ALA B 238 21.84 -13.62 -21.04
N VAL B 239 22.41 -13.05 -22.08
CA VAL B 239 23.24 -11.89 -21.86
C VAL B 239 22.41 -10.66 -22.22
N HIS B 240 21.79 -10.07 -21.20
CA HIS B 240 20.87 -8.95 -21.34
C HIS B 240 21.34 -7.60 -21.87
N ASP B 241 22.30 -7.02 -21.19
CA ASP B 241 22.75 -5.67 -21.52
C ASP B 241 23.12 -5.30 -22.94
N PRO B 242 23.84 -6.18 -23.65
CA PRO B 242 24.23 -5.88 -25.05
C PRO B 242 23.00 -5.61 -25.90
N CYS B 243 21.89 -6.28 -25.57
CA CYS B 243 20.66 -6.08 -26.33
C CYS B 243 20.22 -4.63 -26.38
N ALA B 244 20.45 -3.90 -25.29
CA ALA B 244 20.07 -2.50 -25.24
C ALA B 244 20.96 -1.67 -26.18
N VAL B 245 22.23 -2.04 -26.31
CA VAL B 245 23.14 -1.32 -27.20
C VAL B 245 22.82 -1.70 -28.65
N ALA B 246 22.58 -2.99 -28.88
CA ALA B 246 22.26 -3.50 -30.22
C ALA B 246 21.11 -2.72 -30.83
N TYR B 247 20.07 -2.46 -30.06
CA TYR B 247 18.94 -1.70 -30.58
C TYR B 247 19.36 -0.29 -31.04
N VAL B 248 20.37 0.30 -30.40
CA VAL B 248 20.78 1.65 -30.80
C VAL B 248 21.52 1.56 -32.12
N ILE B 249 22.32 0.51 -32.26
CA ILE B 249 23.11 0.26 -33.47
C ILE B 249 22.20 0.03 -34.66
N ASP B 250 21.32 -0.95 -34.54
CA ASP B 250 20.38 -1.31 -35.61
C ASP B 250 19.05 -1.69 -35.00
N PRO B 251 18.05 -0.80 -35.07
CA PRO B 251 16.74 -1.08 -34.50
C PRO B 251 16.08 -2.33 -35.05
N SER B 252 16.49 -2.77 -36.24
CA SER B 252 15.87 -3.96 -36.80
C SER B 252 16.28 -5.25 -36.11
N VAL B 253 17.15 -5.21 -35.10
CA VAL B 253 17.52 -6.47 -34.44
C VAL B 253 16.39 -6.95 -33.59
N MET B 254 15.39 -6.13 -33.34
CA MET B 254 14.26 -6.56 -32.51
C MET B 254 12.97 -5.86 -32.86
N THR B 255 11.86 -6.54 -32.59
CA THR B 255 10.54 -5.95 -32.82
C THR B 255 10.12 -5.25 -31.52
N THR B 256 9.35 -4.17 -31.65
CA THR B 256 8.90 -3.46 -30.47
C THR B 256 7.44 -3.15 -30.60
N GLU B 257 6.77 -2.98 -29.48
CA GLU B 257 5.36 -2.67 -29.43
C GLU B 257 5.21 -1.40 -28.61
N ARG B 258 4.39 -0.48 -29.10
CA ARG B 258 4.19 0.80 -28.43
C ARG B 258 2.99 0.70 -27.51
N VAL B 259 3.25 0.63 -26.21
CA VAL B 259 2.19 0.52 -25.20
C VAL B 259 2.53 1.31 -23.93
N PRO B 260 1.51 1.68 -23.16
CA PRO B 260 1.73 2.43 -21.91
C PRO B 260 2.42 1.51 -20.88
N VAL B 261 3.42 2.03 -20.16
CA VAL B 261 4.11 1.28 -19.12
C VAL B 261 4.29 2.15 -17.85
N ASP B 262 3.93 1.66 -16.66
CA ASP B 262 4.11 2.42 -15.43
C ASP B 262 4.72 1.47 -14.40
N ILE B 263 5.20 2.00 -13.27
CA ILE B 263 5.86 1.21 -12.26
C ILE B 263 5.01 1.12 -10.99
N GLU B 264 4.91 -0.09 -10.45
CA GLU B 264 4.16 -0.34 -9.24
C GLU B 264 5.07 -0.09 -8.05
N LEU B 265 4.61 0.80 -7.16
CA LEU B 265 5.38 1.20 -5.99
C LEU B 265 4.88 0.67 -4.68
N THR B 266 3.61 0.30 -4.59
CA THR B 266 3.04 -0.18 -3.30
C THR B 266 2.58 -1.62 -3.19
N GLY B 267 2.49 -2.34 -4.29
CA GLY B 267 2.04 -3.72 -4.20
C GLY B 267 2.90 -4.61 -3.33
N LYS B 268 2.27 -5.53 -2.61
CA LYS B 268 3.01 -6.45 -1.76
C LYS B 268 3.71 -7.54 -2.56
N LEU B 269 2.99 -8.05 -3.56
CA LEU B 269 3.48 -9.10 -4.44
C LEU B 269 4.05 -8.54 -5.72
N THR B 270 3.52 -7.40 -6.14
CA THR B 270 3.96 -6.77 -7.37
C THR B 270 4.89 -5.56 -7.34
N LEU B 271 5.52 -5.27 -6.19
CA LEU B 271 6.45 -4.16 -6.12
C LEU B 271 7.48 -4.23 -7.24
N GLY B 272 7.64 -3.12 -7.94
CA GLY B 272 8.64 -3.04 -8.98
C GLY B 272 8.27 -3.57 -10.33
N MET B 273 7.03 -4.00 -10.50
CA MET B 273 6.59 -4.53 -11.76
C MET B 273 6.42 -3.41 -12.77
N THR B 274 6.74 -3.68 -14.05
CA THR B 274 6.52 -2.71 -15.15
C THR B 274 5.17 -3.13 -15.72
N VAL B 275 4.11 -2.43 -15.34
CA VAL B 275 2.78 -2.80 -15.77
C VAL B 275 2.54 -2.26 -17.14
N ALA B 276 2.31 -3.13 -18.11
CA ALA B 276 2.06 -2.68 -19.47
C ALA B 276 0.59 -2.91 -19.79
N ASP B 277 -0.02 -1.95 -20.45
CA ASP B 277 -1.41 -2.07 -20.82
C ASP B 277 -1.61 -2.47 -22.29
N PHE B 278 -1.76 -3.77 -22.55
CA PHE B 278 -1.95 -4.28 -23.91
C PHE B 278 -3.38 -4.32 -24.37
N ARG B 279 -4.34 -3.89 -23.55
CA ARG B 279 -5.76 -3.94 -23.94
C ARG B 279 -5.96 -3.09 -25.16
N ASN B 280 -6.66 -3.64 -26.15
CA ASN B 280 -6.87 -2.89 -27.40
C ASN B 280 -8.20 -2.18 -27.64
N PRO B 281 -8.07 -0.89 -27.98
CA PRO B 281 -8.11 0.51 -28.36
C PRO B 281 -6.78 1.08 -27.83
N ARG B 282 -5.66 0.63 -28.40
CA ARG B 282 -4.34 1.11 -27.95
C ARG B 282 -4.12 2.61 -28.19
N PRO B 283 -3.65 3.32 -27.15
CA PRO B 283 -3.34 4.74 -27.05
C PRO B 283 -3.06 5.59 -28.27
N GLU B 284 -2.04 5.24 -29.06
CA GLU B 284 -1.67 6.05 -30.22
C GLU B 284 -1.14 7.36 -29.61
N HIS B 285 0.15 7.62 -29.79
CA HIS B 285 0.83 8.78 -29.18
C HIS B 285 1.09 8.29 -27.77
N CYS B 286 2.13 7.48 -27.65
CA CYS B 286 2.49 6.87 -26.40
C CYS B 286 4.03 6.94 -26.35
N HIS B 287 4.58 7.55 -25.31
CA HIS B 287 6.03 7.71 -25.22
C HIS B 287 6.85 6.52 -24.80
N THR B 288 6.22 5.37 -24.54
CA THR B 288 6.98 4.17 -24.18
C THR B 288 6.71 3.01 -25.14
N GLN B 289 7.65 2.06 -25.22
CA GLN B 289 7.45 0.92 -26.08
C GLN B 289 8.31 -0.20 -25.54
N VAL B 290 7.82 -1.43 -25.65
CA VAL B 290 8.53 -2.59 -25.15
C VAL B 290 9.11 -3.43 -26.30
N ALA B 291 10.20 -4.14 -26.05
CA ALA B 291 10.83 -5.00 -27.07
C ALA B 291 10.21 -6.40 -26.98
N VAL B 292 9.93 -7.03 -28.12
CA VAL B 292 9.29 -8.34 -28.16
C VAL B 292 10.16 -9.49 -28.67
N LYS B 293 10.46 -9.52 -29.97
CA LYS B 293 11.26 -10.59 -30.57
C LYS B 293 12.65 -10.15 -31.00
N LEU B 294 13.62 -11.02 -30.81
CA LEU B 294 15.00 -10.72 -31.17
C LEU B 294 15.45 -11.49 -32.38
N ASP B 295 16.21 -10.84 -33.26
CA ASP B 295 16.79 -11.48 -34.44
C ASP B 295 18.11 -12.05 -33.90
N PHE B 296 18.05 -13.29 -33.44
CA PHE B 296 19.19 -14.00 -32.86
C PHE B 296 20.50 -13.99 -33.66
N GLU B 297 20.41 -14.17 -34.97
CA GLU B 297 21.63 -14.21 -35.78
C GLU B 297 22.24 -12.85 -35.93
N LYS B 298 21.42 -11.86 -36.24
CA LYS B 298 21.93 -10.51 -36.38
C LYS B 298 22.54 -10.01 -35.06
N PHE B 299 21.89 -10.32 -33.94
CA PHE B 299 22.38 -9.90 -32.64
C PHE B 299 23.78 -10.42 -32.43
N TRP B 300 23.96 -11.73 -32.41
CA TRP B 300 25.31 -12.26 -32.19
C TRP B 300 26.32 -11.84 -33.27
N GLY B 301 25.81 -11.49 -34.45
CA GLY B 301 26.66 -11.06 -35.52
C GLY B 301 27.33 -9.78 -35.06
N LEU B 302 26.52 -8.85 -34.57
CA LEU B 302 27.03 -7.55 -34.11
C LEU B 302 28.09 -7.67 -33.04
N VAL B 303 27.90 -8.62 -32.11
CA VAL B 303 28.86 -8.81 -31.02
C VAL B 303 30.21 -9.31 -31.54
N LEU B 304 30.18 -10.38 -32.33
CA LEU B 304 31.41 -10.95 -32.89
C LEU B 304 32.14 -9.95 -33.77
N ASP B 305 31.38 -9.20 -34.56
CA ASP B 305 31.95 -8.20 -35.45
C ASP B 305 32.70 -7.15 -34.64
N ALA B 306 32.15 -6.80 -33.48
CA ALA B 306 32.79 -5.81 -32.62
C ALA B 306 34.02 -6.42 -32.01
N LEU B 307 33.93 -7.68 -31.57
CA LEU B 307 35.10 -8.32 -30.97
C LEU B 307 36.27 -8.33 -31.97
N GLU B 308 35.95 -8.54 -33.24
CA GLU B 308 36.98 -8.59 -34.27
C GLU B 308 37.61 -7.24 -34.49
N ARG B 309 36.80 -6.19 -34.55
CA ARG B 309 37.36 -4.86 -34.77
C ARG B 309 38.24 -4.36 -33.63
N ILE B 310 37.86 -4.67 -32.39
CA ILE B 310 38.65 -4.24 -31.24
C ILE B 310 40.03 -4.87 -31.38
N GLY B 311 40.04 -6.08 -31.93
CA GLY B 311 41.29 -6.77 -32.15
C GLY B 311 41.99 -7.12 -30.86
N ASP B 312 43.29 -6.80 -30.83
CA ASP B 312 44.12 -7.11 -29.68
C ASP B 312 44.99 -5.88 -29.42
N PRO B 313 44.51 -4.93 -28.62
CA PRO B 313 45.31 -3.72 -28.35
C PRO B 313 46.40 -4.00 -27.31
N ALA C 1 -24.53 -36.82 -13.44
CA ALA C 1 -23.38 -37.58 -12.89
C ALA C 1 -22.48 -36.68 -12.06
N LYS C 2 -22.19 -35.47 -12.54
CA LYS C 2 -21.34 -34.56 -11.76
C LYS C 2 -22.21 -33.50 -11.08
N LYS C 3 -22.36 -33.58 -9.76
CA LYS C 3 -23.17 -32.59 -9.05
C LYS C 3 -22.41 -31.27 -8.88
N ILE C 4 -23.03 -30.15 -9.20
CA ILE C 4 -22.37 -28.85 -9.06
C ILE C 4 -23.30 -27.82 -8.44
N ILE C 5 -22.73 -26.74 -7.95
CA ILE C 5 -23.50 -25.60 -7.45
C ILE C 5 -22.93 -24.51 -8.34
N LEU C 6 -23.80 -23.81 -9.07
CA LEU C 6 -23.37 -22.75 -9.97
C LEU C 6 -23.64 -21.44 -9.25
N ASP C 7 -22.60 -20.72 -8.86
CA ASP C 7 -22.73 -19.43 -8.16
C ASP C 7 -22.41 -18.39 -9.23
N CYS C 8 -23.38 -17.56 -9.56
CA CYS C 8 -23.21 -16.63 -10.64
C CYS C 8 -23.92 -15.28 -10.47
N ASP C 9 -23.69 -14.39 -11.43
CA ASP C 9 -24.29 -13.08 -11.39
C ASP C 9 -24.86 -12.80 -12.76
N PRO C 10 -25.87 -13.58 -13.14
CA PRO C 10 -26.50 -13.44 -14.42
C PRO C 10 -26.57 -12.11 -15.09
N GLY C 11 -25.68 -12.11 -16.09
CA GLY C 11 -25.45 -11.08 -17.06
C GLY C 11 -25.50 -11.96 -18.32
N LEU C 12 -25.10 -11.42 -19.46
CA LEU C 12 -25.17 -12.15 -20.72
C LEU C 12 -24.52 -13.53 -20.75
N ASP C 13 -23.26 -13.63 -20.40
CA ASP C 13 -22.60 -14.93 -20.46
C ASP C 13 -22.96 -15.92 -19.38
N ASP C 14 -23.36 -15.44 -18.21
CA ASP C 14 -23.76 -16.37 -17.14
C ASP C 14 -24.96 -17.14 -17.61
N ALA C 15 -25.85 -16.49 -18.38
CA ALA C 15 -27.05 -17.13 -18.88
C ALA C 15 -26.72 -18.35 -19.74
N VAL C 16 -25.69 -18.24 -20.60
CA VAL C 16 -25.27 -19.36 -21.44
C VAL C 16 -24.69 -20.48 -20.57
N ALA C 17 -24.04 -20.13 -19.47
CA ALA C 17 -23.48 -21.16 -18.60
C ALA C 17 -24.61 -21.96 -17.97
N ILE C 18 -25.72 -21.29 -17.61
CA ILE C 18 -26.87 -21.98 -17.04
C ILE C 18 -27.49 -22.94 -18.08
N LEU C 19 -27.70 -22.49 -19.31
CA LEU C 19 -28.25 -23.32 -20.37
C LEU C 19 -27.39 -24.55 -20.56
N LEU C 20 -26.07 -24.36 -20.65
CA LEU C 20 -25.17 -25.48 -20.83
C LEU C 20 -25.22 -26.44 -19.67
N ALA C 21 -25.26 -25.92 -18.45
CA ALA C 21 -25.30 -26.78 -17.26
C ALA C 21 -26.60 -27.58 -17.18
N HIS C 22 -27.67 -27.00 -17.69
CA HIS C 22 -28.95 -27.65 -17.66
C HIS C 22 -29.04 -28.70 -18.74
N GLY C 23 -28.75 -28.31 -19.99
CA GLY C 23 -28.84 -29.20 -21.12
C GLY C 23 -27.89 -30.37 -21.16
N ASN C 24 -26.71 -30.23 -20.65
CA ASN C 24 -25.79 -31.35 -20.71
C ASN C 24 -26.15 -32.46 -19.75
N PRO C 25 -26.18 -33.70 -20.22
CA PRO C 25 -26.52 -34.87 -19.43
C PRO C 25 -25.48 -35.28 -18.38
N GLU C 26 -24.31 -34.70 -18.41
CA GLU C 26 -23.25 -35.08 -17.48
C GLU C 26 -23.27 -34.29 -16.17
N ILE C 27 -24.00 -33.20 -16.20
CA ILE C 27 -24.07 -32.31 -15.07
C ILE C 27 -25.36 -32.45 -14.28
N GLU C 28 -25.26 -32.48 -12.97
CA GLU C 28 -26.45 -32.53 -12.14
C GLU C 28 -26.41 -31.22 -11.35
N LEU C 29 -27.31 -30.31 -11.69
CA LEU C 29 -27.36 -29.01 -11.05
C LEU C 29 -28.10 -29.01 -9.70
N LEU C 30 -27.39 -29.00 -8.58
CA LEU C 30 -28.03 -28.95 -7.25
C LEU C 30 -28.66 -27.60 -6.88
N ALA C 31 -28.07 -26.50 -7.36
CA ALA C 31 -28.58 -25.17 -7.05
C ALA C 31 -27.90 -24.09 -7.85
N ILE C 32 -28.60 -22.98 -8.03
CA ILE C 32 -28.09 -21.80 -8.71
C ILE C 32 -28.13 -20.76 -7.60
N THR C 33 -26.98 -20.21 -7.19
CA THR C 33 -26.90 -19.17 -6.16
C THR C 33 -26.41 -17.87 -6.81
N THR C 34 -26.90 -16.70 -6.38
CA THR C 34 -26.46 -15.43 -6.98
C THR C 34 -25.63 -14.49 -6.05
N VAL C 35 -24.86 -13.58 -6.67
CA VAL C 35 -23.99 -12.59 -5.97
C VAL C 35 -23.99 -11.26 -6.72
N VAL C 36 -23.57 -10.18 -6.06
CA VAL C 36 -23.47 -8.88 -6.74
C VAL C 36 -22.34 -9.03 -7.75
N GLY C 37 -22.37 -8.22 -8.80
CA GLY C 37 -21.34 -8.24 -9.81
C GLY C 37 -21.77 -7.48 -11.02
N ASN C 38 -22.15 -8.21 -12.04
CA ASN C 38 -22.54 -7.61 -13.28
C ASN C 38 -23.57 -6.54 -13.03
N GLN C 39 -24.43 -6.80 -12.07
CA GLN C 39 -25.49 -5.88 -11.67
C GLN C 39 -25.73 -6.06 -10.16
N THR C 40 -26.65 -5.28 -9.61
CA THR C 40 -26.96 -5.41 -8.18
C THR C 40 -27.67 -6.75 -7.94
N LEU C 41 -27.49 -7.29 -6.73
CA LEU C 41 -28.07 -8.58 -6.34
C LEU C 41 -29.53 -8.79 -6.74
N ALA C 42 -30.32 -7.76 -6.61
CA ALA C 42 -31.73 -7.89 -6.96
C ALA C 42 -31.88 -8.16 -8.44
N LYS C 43 -31.22 -7.37 -9.28
CA LYS C 43 -31.32 -7.51 -10.74
C LYS C 43 -30.82 -8.85 -11.17
N VAL C 44 -29.66 -9.21 -10.67
CA VAL C 44 -29.02 -10.46 -11.02
C VAL C 44 -29.88 -11.69 -10.68
N THR C 45 -30.58 -11.63 -9.55
CA THR C 45 -31.42 -12.73 -9.10
C THR C 45 -32.66 -12.86 -9.97
N ARG C 46 -33.22 -11.72 -10.35
CA ARG C 46 -34.40 -11.67 -11.21
C ARG C 46 -34.00 -12.29 -12.56
N ASN C 47 -32.80 -11.99 -13.03
CA ASN C 47 -32.28 -12.54 -14.29
C ASN C 47 -32.12 -14.06 -14.21
N ALA C 48 -31.60 -14.59 -13.10
CA ALA C 48 -31.46 -16.03 -12.95
C ALA C 48 -32.82 -16.74 -13.05
N GLN C 49 -33.87 -16.11 -12.55
CA GLN C 49 -35.22 -16.66 -12.62
C GLN C 49 -35.66 -16.65 -14.06
N LEU C 50 -35.46 -15.53 -14.74
CA LEU C 50 -35.82 -15.43 -16.15
C LEU C 50 -35.23 -16.57 -16.99
N VAL C 51 -33.91 -16.78 -16.95
CA VAL C 51 -33.36 -17.86 -17.76
C VAL C 51 -33.77 -19.24 -17.26
N ALA C 52 -33.93 -19.41 -15.95
CA ALA C 52 -34.38 -20.72 -15.45
C ALA C 52 -35.79 -21.02 -16.00
N ASP C 53 -36.59 -19.99 -16.22
CA ASP C 53 -37.94 -20.19 -16.74
C ASP C 53 -37.83 -20.56 -18.21
N ILE C 54 -37.07 -19.78 -18.96
CA ILE C 54 -36.88 -20.01 -20.40
C ILE C 54 -36.34 -21.39 -20.73
N ALA C 55 -35.42 -21.91 -19.93
CA ALA C 55 -34.87 -23.22 -20.17
C ALA C 55 -35.72 -24.33 -19.55
N GLY C 56 -36.82 -23.94 -18.92
CA GLY C 56 -37.69 -24.91 -18.27
C GLY C 56 -37.07 -25.71 -17.15
N ILE C 57 -36.26 -25.06 -16.29
CA ILE C 57 -35.63 -25.77 -15.18
C ILE C 57 -36.65 -25.90 -14.05
N THR C 58 -36.70 -27.08 -13.43
CA THR C 58 -37.57 -27.34 -12.29
C THR C 58 -36.80 -28.20 -11.31
N GLY C 59 -37.12 -28.07 -10.02
CA GLY C 59 -36.47 -28.89 -9.02
C GLY C 59 -35.12 -28.40 -8.61
N VAL C 60 -34.79 -27.17 -8.99
CA VAL C 60 -33.50 -26.60 -8.62
C VAL C 60 -33.73 -25.29 -7.89
N PRO C 61 -33.27 -25.18 -6.64
CA PRO C 61 -33.45 -23.94 -5.88
C PRO C 61 -32.57 -22.80 -6.38
N ILE C 62 -33.13 -21.59 -6.40
CA ILE C 62 -32.40 -20.39 -6.79
C ILE C 62 -32.34 -19.54 -5.50
N ALA C 63 -31.16 -19.44 -4.90
CA ALA C 63 -30.97 -18.69 -3.66
C ALA C 63 -30.09 -17.46 -3.81
N ALA C 64 -30.55 -16.31 -3.32
CA ALA C 64 -29.77 -15.07 -3.38
C ALA C 64 -28.73 -15.04 -2.27
N GLY C 65 -27.58 -14.43 -2.51
CA GLY C 65 -26.52 -14.32 -1.52
C GLY C 65 -26.11 -12.88 -1.18
N CYS C 66 -24.82 -12.64 -0.98
CA CYS C 66 -24.32 -11.33 -0.60
C CYS C 66 -24.60 -10.23 -1.61
N ASP C 67 -25.07 -9.09 -1.11
CA ASP C 67 -25.41 -7.94 -1.94
C ASP C 67 -24.33 -6.87 -1.95
N LYS C 68 -23.18 -7.17 -1.33
CA LYS C 68 -22.05 -6.25 -1.25
C LYS C 68 -20.74 -7.02 -1.11
N PRO C 69 -19.63 -6.42 -1.56
CA PRO C 69 -18.33 -7.10 -1.45
C PRO C 69 -18.03 -7.16 0.06
N LEU C 70 -17.09 -8.01 0.44
CA LEU C 70 -16.71 -8.18 1.83
C LEU C 70 -16.26 -6.85 2.49
N VAL C 71 -15.33 -6.15 1.85
CA VAL C 71 -14.77 -4.92 2.41
C VAL C 71 -14.90 -3.66 1.55
N ARG C 72 -14.71 -3.82 0.25
CA ARG C 72 -14.74 -2.74 -0.71
C ARG C 72 -16.13 -2.26 -1.04
N LYS C 73 -16.22 -1.12 -1.70
CA LYS C 73 -17.52 -0.59 -2.08
C LYS C 73 -18.02 -1.30 -3.35
N ILE C 74 -19.33 -1.41 -3.49
CA ILE C 74 -19.94 -2.04 -4.66
C ILE C 74 -19.45 -1.46 -5.99
N MET C 75 -19.20 -2.34 -6.94
CA MET C 75 -18.75 -1.94 -8.28
C MET C 75 -19.43 -2.91 -9.27
N THR C 76 -20.25 -2.39 -10.19
CA THR C 76 -20.95 -3.26 -11.11
C THR C 76 -20.50 -3.05 -12.56
N ALA C 77 -21.00 -3.84 -13.50
CA ALA C 77 -20.63 -3.75 -14.91
C ALA C 77 -21.84 -3.58 -15.82
N GLY C 78 -22.69 -2.60 -15.49
CA GLY C 78 -23.89 -2.34 -16.27
C GLY C 78 -23.69 -1.78 -17.68
N HIS C 79 -22.47 -1.31 -17.96
CA HIS C 79 -22.13 -0.77 -19.26
C HIS C 79 -21.89 -1.90 -20.28
N ILE C 80 -21.70 -3.11 -19.75
CA ILE C 80 -21.50 -4.29 -20.59
C ILE C 80 -22.80 -5.09 -20.71
N HIS C 81 -23.51 -5.25 -19.60
CA HIS C 81 -24.75 -6.04 -19.58
C HIS C 81 -26.05 -5.27 -19.54
N GLY C 82 -25.99 -3.97 -19.80
CA GLY C 82 -27.18 -3.16 -19.80
C GLY C 82 -27.62 -2.86 -18.37
N GLU C 83 -28.68 -2.09 -18.22
CA GLU C 83 -29.19 -1.75 -16.88
C GLU C 83 -29.79 -2.98 -16.19
N SER C 84 -30.56 -3.75 -16.95
CA SER C 84 -31.19 -4.97 -16.42
C SER C 84 -30.17 -6.06 -16.08
N GLY C 85 -28.97 -5.96 -16.67
CA GLY C 85 -27.95 -6.97 -16.43
C GLY C 85 -28.12 -8.09 -17.45
N MET C 86 -29.32 -8.21 -18.02
CA MET C 86 -29.64 -9.23 -19.01
C MET C 86 -29.81 -8.54 -20.35
N GLY C 87 -28.95 -7.56 -20.58
CA GLY C 87 -28.98 -6.81 -21.81
C GLY C 87 -30.27 -6.11 -22.17
N THR C 88 -31.08 -6.80 -22.96
CA THR C 88 -32.29 -6.17 -23.44
C THR C 88 -33.53 -7.04 -23.51
N VAL C 89 -33.65 -8.02 -22.62
CA VAL C 89 -34.80 -8.92 -22.60
C VAL C 89 -35.93 -8.38 -21.71
N ALA C 90 -37.18 -8.64 -22.11
CA ALA C 90 -38.35 -8.20 -21.37
C ALA C 90 -38.67 -9.30 -20.37
N TYR C 91 -39.05 -8.92 -19.15
CA TYR C 91 -39.37 -9.90 -18.12
C TYR C 91 -40.83 -10.25 -18.11
N PRO C 92 -41.15 -11.47 -17.67
CA PRO C 92 -42.55 -11.90 -17.60
C PRO C 92 -43.22 -11.20 -16.43
N ALA C 93 -44.55 -11.33 -16.39
CA ALA C 93 -45.33 -10.70 -15.31
C ALA C 93 -45.03 -11.45 -14.01
N GLU C 94 -44.91 -12.76 -14.11
CA GLU C 94 -44.64 -13.58 -12.95
C GLU C 94 -43.65 -14.65 -13.37
N PHE C 95 -42.79 -15.04 -12.45
CA PHE C 95 -41.83 -16.08 -12.74
C PHE C 95 -42.37 -17.36 -12.19
N LYS C 96 -42.07 -18.46 -12.86
CA LYS C 96 -42.52 -19.76 -12.40
C LYS C 96 -41.55 -20.19 -11.29
N ASN C 97 -40.27 -19.89 -11.46
CA ASN C 97 -39.27 -20.22 -10.46
C ASN C 97 -39.20 -19.08 -9.45
N LYS C 98 -39.26 -19.43 -8.16
CA LYS C 98 -39.24 -18.46 -7.07
C LYS C 98 -37.90 -18.49 -6.36
N VAL C 99 -37.52 -17.36 -5.77
CA VAL C 99 -36.27 -17.30 -5.05
C VAL C 99 -36.45 -18.06 -3.74
N ASP C 100 -35.51 -18.94 -3.42
CA ASP C 100 -35.56 -19.73 -2.20
C ASP C 100 -35.56 -18.83 -0.97
N GLU C 101 -35.91 -19.41 0.17
CA GLU C 101 -35.98 -18.70 1.43
C GLU C 101 -34.61 -18.57 2.10
N ARG C 102 -33.77 -19.57 1.91
CA ARG C 102 -32.44 -19.57 2.50
C ARG C 102 -31.47 -18.64 1.81
N HIS C 103 -30.48 -18.17 2.58
CA HIS C 103 -29.44 -17.31 2.05
C HIS C 103 -28.49 -18.29 1.35
N ALA C 104 -28.07 -17.94 0.15
CA ALA C 104 -27.14 -18.75 -0.62
C ALA C 104 -25.97 -19.27 0.24
N VAL C 105 -25.42 -18.44 1.12
CA VAL C 105 -24.34 -18.89 1.96
C VAL C 105 -24.75 -20.07 2.83
N ASN C 106 -25.98 -20.05 3.31
CA ASN C 106 -26.45 -21.13 4.16
C ASN C 106 -26.80 -22.35 3.34
N LEU C 107 -27.43 -22.14 2.18
CA LEU C 107 -27.76 -23.25 1.29
C LEU C 107 -26.48 -23.99 0.85
N ILE C 108 -25.45 -23.27 0.42
CA ILE C 108 -24.20 -23.91 0.02
C ILE C 108 -23.64 -24.75 1.18
N ILE C 109 -23.65 -24.21 2.39
CA ILE C 109 -23.12 -24.96 3.53
C ILE C 109 -24.00 -26.19 3.80
N ASP C 110 -25.30 -26.02 3.63
CA ASP C 110 -26.26 -27.09 3.80
C ASP C 110 -26.00 -28.26 2.84
N LEU C 111 -25.98 -27.96 1.54
CA LEU C 111 -25.75 -28.95 0.52
C LEU C 111 -24.44 -29.68 0.74
N VAL C 112 -23.36 -28.95 0.96
CA VAL C 112 -22.07 -29.59 1.13
C VAL C 112 -21.97 -30.45 2.37
N MET C 113 -22.55 -30.01 3.47
CA MET C 113 -22.49 -30.78 4.70
C MET C 113 -23.44 -31.97 4.72
N SER C 114 -24.55 -31.90 4.01
CA SER C 114 -25.46 -33.02 3.97
C SER C 114 -25.14 -34.10 2.93
N HIS C 115 -24.32 -33.80 1.92
CA HIS C 115 -23.95 -34.81 0.94
C HIS C 115 -22.67 -35.51 1.31
N GLU C 116 -22.39 -36.63 0.65
CA GLU C 116 -21.19 -37.37 0.88
C GLU C 116 -20.00 -36.52 0.47
N PRO C 117 -18.88 -36.68 1.15
CA PRO C 117 -17.66 -35.95 0.89
C PRO C 117 -17.18 -36.14 -0.55
N LYS C 118 -16.59 -35.09 -1.10
CA LYS C 118 -16.01 -35.11 -2.44
C LYS C 118 -16.97 -35.43 -3.55
N THR C 119 -18.21 -35.00 -3.44
CA THR C 119 -19.12 -35.27 -4.52
C THR C 119 -19.65 -34.01 -5.20
N ILE C 120 -19.41 -32.84 -4.59
CA ILE C 120 -19.89 -31.59 -5.15
C ILE C 120 -18.74 -30.70 -5.60
N THR C 121 -18.82 -30.12 -6.79
CA THR C 121 -17.78 -29.21 -7.20
C THR C 121 -18.48 -27.86 -7.34
N LEU C 122 -17.82 -26.80 -6.85
CA LEU C 122 -18.36 -25.44 -6.88
C LEU C 122 -17.91 -24.79 -8.15
N VAL C 123 -18.82 -24.11 -8.84
CA VAL C 123 -18.49 -23.45 -10.08
C VAL C 123 -18.89 -21.99 -10.02
N PRO C 124 -18.02 -21.14 -9.49
CA PRO C 124 -18.31 -19.72 -9.38
C PRO C 124 -17.97 -19.01 -10.71
N THR C 125 -18.90 -18.22 -11.24
CA THR C 125 -18.66 -17.46 -12.46
C THR C 125 -18.94 -15.95 -12.22
N GLY C 126 -18.90 -15.53 -10.94
CA GLY C 126 -19.09 -14.13 -10.56
C GLY C 126 -18.05 -13.73 -9.50
N GLY C 127 -18.30 -12.67 -8.72
CA GLY C 127 -17.34 -12.34 -7.67
C GLY C 127 -17.33 -13.50 -6.69
N LEU C 128 -16.28 -13.65 -5.92
CA LEU C 128 -16.22 -14.78 -5.01
C LEU C 128 -16.76 -14.56 -3.56
N THR C 129 -17.58 -13.52 -3.35
CA THR C 129 -18.10 -13.18 -2.01
C THR C 129 -18.82 -14.32 -1.27
N ASN C 130 -19.80 -14.97 -1.91
CA ASN C 130 -20.53 -16.08 -1.28
C ASN C 130 -19.65 -17.25 -0.93
N ILE C 131 -18.70 -17.60 -1.78
CA ILE C 131 -17.83 -18.77 -1.53
C ILE C 131 -16.92 -18.52 -0.34
N ALA C 132 -16.39 -17.30 -0.25
CA ALA C 132 -15.49 -16.91 0.84
C ALA C 132 -16.22 -16.87 2.18
N MET C 133 -17.41 -16.30 2.19
CA MET C 133 -18.25 -16.25 3.40
C MET C 133 -18.50 -17.68 3.85
N ALA C 134 -18.95 -18.54 2.94
CA ALA C 134 -19.21 -19.93 3.31
C ALA C 134 -17.99 -20.62 3.88
N ALA C 135 -16.84 -20.44 3.24
CA ALA C 135 -15.63 -21.08 3.74
C ALA C 135 -15.22 -20.58 5.10
N ARG C 136 -15.55 -19.33 5.42
CA ARG C 136 -15.19 -18.79 6.73
C ARG C 136 -16.21 -19.19 7.78
N LEU C 137 -17.48 -19.16 7.42
CA LEU C 137 -18.55 -19.48 8.36
C LEU C 137 -18.55 -20.95 8.81
N GLU C 138 -18.21 -21.85 7.89
CA GLU C 138 -18.14 -23.29 8.17
C GLU C 138 -16.94 -23.82 7.43
N PRO C 139 -15.78 -23.74 8.06
CA PRO C 139 -14.55 -24.23 7.46
C PRO C 139 -14.52 -25.69 7.08
N ARG C 140 -15.49 -26.46 7.57
CA ARG C 140 -15.49 -27.89 7.25
C ARG C 140 -15.82 -28.18 5.79
N ILE C 141 -16.39 -27.21 5.08
CA ILE C 141 -16.74 -27.44 3.70
C ILE C 141 -15.54 -27.47 2.78
N VAL C 142 -14.42 -26.87 3.18
CA VAL C 142 -13.30 -26.86 2.25
C VAL C 142 -12.73 -28.22 1.99
N ASP C 143 -12.74 -29.10 2.98
CA ASP C 143 -12.23 -30.44 2.74
C ASP C 143 -13.25 -31.38 2.10
N ARG C 144 -14.52 -31.01 2.10
CA ARG C 144 -15.59 -31.84 1.54
C ARG C 144 -15.87 -31.56 0.08
N VAL C 145 -15.64 -30.33 -0.34
CA VAL C 145 -15.85 -29.94 -1.70
C VAL C 145 -14.87 -30.74 -2.59
N LYS C 146 -15.35 -31.19 -3.75
CA LYS C 146 -14.49 -31.94 -4.64
C LYS C 146 -13.41 -31.02 -5.17
N GLU C 147 -13.81 -29.89 -5.74
CA GLU C 147 -12.86 -28.92 -6.25
C GLU C 147 -13.66 -27.71 -6.65
N VAL C 148 -12.98 -26.58 -6.88
CA VAL C 148 -13.59 -25.32 -7.28
C VAL C 148 -13.13 -25.02 -8.70
N VAL C 149 -14.05 -24.76 -9.62
CA VAL C 149 -13.67 -24.43 -10.97
C VAL C 149 -14.36 -23.09 -11.23
N LEU C 150 -13.56 -22.02 -11.27
CA LEU C 150 -14.13 -20.68 -11.40
C LEU C 150 -13.72 -19.97 -12.67
N MET C 151 -14.59 -19.08 -13.14
CA MET C 151 -14.24 -18.25 -14.27
C MET C 151 -13.80 -16.93 -13.62
N GLY C 152 -12.54 -16.55 -13.82
CA GLY C 152 -12.07 -15.31 -13.28
C GLY C 152 -10.57 -15.25 -13.36
N GLY C 153 -10.00 -14.05 -13.29
CA GLY C 153 -8.56 -13.91 -13.33
C GLY C 153 -8.00 -13.80 -14.72
N GLY C 154 -6.68 -13.82 -14.78
CA GLY C 154 -5.96 -13.74 -16.04
C GLY C 154 -4.51 -13.65 -15.68
N TYR C 155 -3.72 -14.69 -15.95
CA TYR C 155 -2.31 -14.62 -15.60
C TYR C 155 -1.52 -13.65 -16.47
N HIS C 156 -1.95 -13.38 -17.70
CA HIS C 156 -1.23 -12.42 -18.55
C HIS C 156 -2.13 -11.42 -19.24
N GLU C 157 -3.40 -11.34 -18.83
CA GLU C 157 -4.37 -10.41 -19.43
C GLU C 157 -5.30 -9.90 -18.35
N GLY C 158 -5.90 -8.75 -18.60
CA GLY C 158 -6.83 -8.19 -17.67
C GLY C 158 -7.86 -7.51 -18.51
N ASN C 159 -8.95 -7.07 -17.90
CA ASN C 159 -9.97 -6.37 -18.68
C ASN C 159 -10.44 -5.16 -17.89
N ALA C 160 -10.70 -5.35 -16.59
CA ALA C 160 -11.15 -4.26 -15.74
C ALA C 160 -10.02 -3.26 -15.71
N THR C 161 -8.81 -3.74 -15.54
CA THR C 161 -7.64 -2.87 -15.55
C THR C 161 -6.66 -3.55 -16.51
N SER C 162 -5.48 -2.98 -16.69
CA SER C 162 -4.54 -3.56 -17.62
C SER C 162 -4.09 -4.94 -17.20
N VAL C 163 -4.14 -5.25 -15.92
CA VAL C 163 -3.71 -6.58 -15.47
C VAL C 163 -4.73 -7.34 -14.60
N ALA C 164 -5.91 -6.78 -14.36
CA ALA C 164 -6.88 -7.46 -13.51
C ALA C 164 -8.19 -7.74 -14.17
N GLU C 165 -8.78 -8.86 -13.78
CA GLU C 165 -10.05 -9.30 -14.34
C GLU C 165 -11.19 -8.90 -13.41
N PHE C 166 -12.29 -8.45 -13.98
CA PHE C 166 -13.48 -8.00 -13.26
C PHE C 166 -13.92 -8.82 -12.03
N ASN C 167 -14.22 -10.11 -12.22
CA ASN C 167 -14.68 -10.95 -11.10
C ASN C 167 -13.75 -10.93 -9.91
N ILE C 168 -12.45 -10.81 -10.14
CA ILE C 168 -11.54 -10.82 -9.00
C ILE C 168 -11.41 -9.45 -8.35
N ILE C 169 -11.40 -8.39 -9.15
CA ILE C 169 -11.22 -7.07 -8.62
C ILE C 169 -12.42 -6.52 -7.87
N ILE C 170 -13.62 -7.01 -8.14
CA ILE C 170 -14.76 -6.46 -7.40
C ILE C 170 -14.76 -6.90 -5.95
N ASP C 171 -13.95 -7.87 -5.61
CA ASP C 171 -13.86 -8.33 -4.26
C ASP C 171 -12.56 -9.10 -4.14
N PRO C 172 -11.45 -8.36 -4.03
CA PRO C 172 -10.15 -9.00 -3.92
C PRO C 172 -9.96 -9.81 -2.66
N GLU C 173 -10.49 -9.33 -1.52
CA GLU C 173 -10.29 -10.11 -0.31
C GLU C 173 -11.03 -11.43 -0.35
N ALA C 174 -12.18 -11.47 -1.01
CA ALA C 174 -12.88 -12.76 -1.11
C ALA C 174 -12.04 -13.71 -1.99
N ALA C 175 -11.53 -13.19 -3.10
CA ALA C 175 -10.66 -13.98 -3.99
C ALA C 175 -9.46 -14.47 -3.21
N HIS C 176 -8.81 -13.58 -2.46
CA HIS C 176 -7.66 -13.97 -1.64
C HIS C 176 -8.05 -15.13 -0.71
N ILE C 177 -9.24 -15.11 -0.14
CA ILE C 177 -9.67 -16.18 0.77
C ILE C 177 -9.78 -17.50 -0.01
N VAL C 178 -10.49 -17.46 -1.13
CA VAL C 178 -10.68 -18.67 -1.95
C VAL C 178 -9.39 -19.31 -2.48
N PHE C 179 -8.50 -18.52 -3.07
CA PHE C 179 -7.26 -19.04 -3.63
C PHE C 179 -6.30 -19.54 -2.59
N ASN C 180 -6.52 -19.15 -1.34
CA ASN C 180 -5.61 -19.56 -0.29
C ASN C 180 -6.08 -20.71 0.58
N GLU C 181 -7.31 -21.18 0.39
CA GLU C 181 -7.78 -22.35 1.15
C GLU C 181 -7.11 -23.56 0.49
N SER C 182 -7.06 -24.69 1.18
CA SER C 182 -6.38 -25.86 0.62
C SER C 182 -7.11 -26.65 -0.45
N TRP C 183 -8.34 -26.28 -0.79
CA TRP C 183 -9.06 -27.01 -1.81
C TRP C 183 -8.41 -26.82 -3.20
N GLN C 184 -8.73 -27.68 -4.14
CA GLN C 184 -8.21 -27.58 -5.51
C GLN C 184 -8.92 -26.49 -6.26
N VAL C 185 -8.18 -25.59 -6.86
CA VAL C 185 -8.77 -24.48 -7.61
C VAL C 185 -8.29 -24.49 -9.07
N THR C 186 -9.22 -24.44 -10.03
CA THR C 186 -8.88 -24.38 -11.44
C THR C 186 -9.31 -22.98 -11.88
N MET C 187 -8.34 -22.15 -12.27
CA MET C 187 -8.70 -20.81 -12.68
C MET C 187 -8.87 -20.74 -14.18
N VAL C 188 -10.11 -20.52 -14.63
CA VAL C 188 -10.41 -20.42 -16.05
C VAL C 188 -10.44 -18.93 -16.33
N GLY C 189 -9.25 -18.37 -16.57
CA GLY C 189 -9.09 -16.95 -16.80
C GLY C 189 -9.27 -16.40 -18.19
N LEU C 190 -9.11 -15.09 -18.32
CA LEU C 190 -9.25 -14.43 -19.60
C LEU C 190 -8.28 -15.00 -20.66
N ASP C 191 -7.15 -15.53 -20.21
CA ASP C 191 -6.17 -16.08 -21.12
C ASP C 191 -6.86 -17.12 -21.98
N LEU C 192 -7.72 -17.90 -21.34
CA LEU C 192 -8.46 -18.96 -22.02
C LEU C 192 -9.74 -18.45 -22.64
N THR C 193 -10.57 -17.80 -21.83
CA THR C 193 -11.85 -17.33 -22.32
C THR C 193 -11.83 -16.38 -23.46
N HIS C 194 -10.70 -15.74 -23.72
CA HIS C 194 -10.67 -14.83 -24.86
C HIS C 194 -10.66 -15.64 -26.18
N GLN C 195 -10.57 -16.97 -26.07
CA GLN C 195 -10.56 -17.87 -27.22
C GLN C 195 -11.97 -18.35 -27.55
N ALA C 196 -12.88 -18.26 -26.58
CA ALA C 196 -14.25 -18.71 -26.77
C ALA C 196 -15.06 -17.67 -27.49
N LEU C 197 -14.68 -17.38 -28.73
CA LEU C 197 -15.36 -16.37 -29.55
C LEU C 197 -16.66 -16.85 -30.21
N ALA C 198 -17.69 -16.03 -30.16
CA ALA C 198 -18.93 -16.39 -30.79
C ALA C 198 -18.89 -15.75 -32.17
N THR C 199 -18.36 -16.49 -33.13
CA THR C 199 -18.23 -16.01 -34.50
C THR C 199 -19.50 -16.28 -35.31
N PRO C 200 -19.67 -15.59 -36.45
CA PRO C 200 -20.85 -15.76 -37.32
C PRO C 200 -21.30 -17.20 -37.55
N PRO C 201 -20.36 -18.09 -37.91
CA PRO C 201 -20.69 -19.50 -38.14
C PRO C 201 -21.41 -20.11 -36.92
N ILE C 202 -20.86 -19.83 -35.74
CA ILE C 202 -21.44 -20.33 -34.50
C ILE C 202 -22.83 -19.77 -34.30
N LEU C 203 -22.99 -18.47 -34.48
CA LEU C 203 -24.29 -17.87 -34.30
C LEU C 203 -25.29 -18.45 -35.29
N GLN C 204 -24.81 -18.78 -36.49
CA GLN C 204 -25.65 -19.37 -37.51
C GLN C 204 -26.09 -20.77 -37.08
N ARG C 205 -25.16 -21.58 -36.60
CA ARG C 205 -25.48 -22.92 -36.12
C ARG C 205 -26.53 -22.81 -35.00
N VAL C 206 -26.49 -21.73 -34.23
CA VAL C 206 -27.44 -21.53 -33.14
C VAL C 206 -28.82 -21.19 -33.67
N LYS C 207 -28.88 -20.28 -34.63
CA LYS C 207 -30.16 -19.87 -35.21
C LYS C 207 -30.91 -21.08 -35.79
N GLU C 208 -30.15 -22.04 -36.32
CA GLU C 208 -30.73 -23.24 -36.89
C GLU C 208 -31.37 -24.21 -35.91
N VAL C 209 -31.08 -24.06 -34.62
CA VAL C 209 -31.67 -24.95 -33.62
C VAL C 209 -33.15 -24.63 -33.53
N ASP C 210 -33.48 -23.40 -33.91
CA ASP C 210 -34.86 -22.91 -33.97
C ASP C 210 -35.80 -23.30 -32.83
N THR C 211 -35.40 -22.99 -31.60
CA THR C 211 -36.23 -23.23 -30.43
C THR C 211 -36.28 -21.93 -29.65
N ASN C 212 -37.15 -21.85 -28.66
CA ASN C 212 -37.23 -20.63 -27.88
C ASN C 212 -35.93 -20.30 -27.12
N PRO C 213 -35.35 -21.27 -26.37
CA PRO C 213 -34.12 -20.99 -25.63
C PRO C 213 -33.04 -20.50 -26.60
N ALA C 214 -33.00 -21.11 -27.78
CA ALA C 214 -32.04 -20.76 -28.82
C ALA C 214 -32.26 -19.35 -29.35
N ARG C 215 -33.52 -18.97 -29.55
CA ARG C 215 -33.77 -17.62 -30.02
C ARG C 215 -33.38 -16.63 -28.93
N PHE C 216 -33.54 -17.04 -27.66
CA PHE C 216 -33.18 -16.21 -26.51
C PHE C 216 -31.69 -15.96 -26.53
N MET C 217 -30.91 -17.02 -26.58
CA MET C 217 -29.46 -16.91 -26.61
C MET C 217 -28.99 -16.07 -27.78
N LEU C 218 -29.64 -16.25 -28.91
CA LEU C 218 -29.29 -15.50 -30.12
C LEU C 218 -29.49 -14.02 -29.85
N GLU C 219 -30.57 -13.70 -29.15
CA GLU C 219 -30.91 -12.33 -28.85
C GLU C 219 -29.89 -11.67 -27.92
N ILE C 220 -29.57 -12.32 -26.82
CA ILE C 220 -28.59 -11.75 -25.88
C ILE C 220 -27.17 -11.76 -26.48
N MET C 221 -26.81 -12.82 -27.21
CA MET C 221 -25.49 -12.92 -27.85
C MET C 221 -25.31 -11.80 -28.82
N ASP C 222 -26.43 -11.34 -29.37
CA ASP C 222 -26.40 -10.25 -30.30
C ASP C 222 -26.00 -8.98 -29.57
N TYR C 223 -26.69 -8.68 -28.49
CA TYR C 223 -26.41 -7.49 -27.67
C TYR C 223 -24.94 -7.47 -27.15
N TYR C 224 -24.53 -8.64 -26.64
CA TYR C 224 -23.18 -8.87 -26.10
C TYR C 224 -22.16 -8.54 -27.20
N THR C 225 -22.44 -9.01 -28.42
CA THR C 225 -21.55 -8.80 -29.56
C THR C 225 -21.43 -7.32 -29.91
N LYS C 226 -22.54 -6.58 -29.87
CA LYS C 226 -22.50 -5.16 -30.16
C LYS C 226 -21.59 -4.43 -29.16
N ILE C 227 -21.68 -4.83 -27.90
CA ILE C 227 -20.87 -4.18 -26.87
C ILE C 227 -19.38 -4.42 -27.06
N TYR C 228 -18.99 -5.69 -27.19
CA TYR C 228 -17.59 -6.08 -27.39
C TYR C 228 -16.94 -5.43 -28.61
N GLN C 229 -17.68 -5.31 -29.70
CA GLN C 229 -17.15 -4.69 -30.91
C GLN C 229 -16.88 -3.23 -30.67
N SER C 230 -17.72 -2.60 -29.86
CA SER C 230 -17.53 -1.18 -29.56
C SER C 230 -16.63 -1.01 -28.31
N ASN C 231 -17.28 -1.01 -27.14
CA ASN C 231 -16.64 -0.84 -25.83
C ASN C 231 -15.23 -1.39 -25.63
N ARG C 232 -15.13 -2.70 -25.37
CA ARG C 232 -13.85 -3.36 -25.13
C ARG C 232 -13.46 -4.22 -26.35
N TYR C 233 -13.03 -3.52 -27.39
CA TYR C 233 -12.64 -4.09 -28.68
C TYR C 233 -12.14 -5.52 -28.88
N MET C 234 -12.85 -6.21 -29.77
CA MET C 234 -12.62 -7.57 -30.23
C MET C 234 -13.57 -7.74 -31.42
N ALA C 235 -13.18 -8.57 -32.38
CA ALA C 235 -14.02 -8.79 -33.58
C ALA C 235 -15.35 -9.47 -33.25
N ALA C 236 -15.32 -10.34 -32.24
CA ALA C 236 -16.49 -11.07 -31.79
C ALA C 236 -16.49 -11.03 -30.27
N ALA C 237 -17.57 -11.47 -29.64
CA ALA C 237 -17.63 -11.44 -28.17
C ALA C 237 -17.06 -12.73 -27.59
N ALA C 238 -16.44 -12.62 -26.43
CA ALA C 238 -15.90 -13.81 -25.78
C ALA C 238 -16.96 -14.24 -24.77
N VAL C 239 -17.43 -15.48 -24.81
CA VAL C 239 -18.44 -15.90 -23.84
C VAL C 239 -17.73 -16.73 -22.76
N HIS C 240 -17.28 -16.02 -21.73
CA HIS C 240 -16.49 -16.59 -20.65
C HIS C 240 -17.04 -17.71 -19.78
N ASP C 241 -18.16 -17.44 -19.11
CA ASP C 241 -18.71 -18.38 -18.15
C ASP C 241 -18.95 -19.86 -18.53
N PRO C 242 -19.50 -20.12 -19.73
CA PRO C 242 -19.73 -21.51 -20.14
C PRO C 242 -18.43 -22.30 -20.08
N CYS C 243 -17.29 -21.65 -20.34
CA CYS C 243 -16.00 -22.34 -20.30
C CYS C 243 -15.72 -22.99 -18.98
N ALA C 244 -16.18 -22.40 -17.90
CA ALA C 244 -15.97 -23.00 -16.58
C ALA C 244 -16.83 -24.26 -16.42
N VAL C 245 -18.02 -24.27 -16.99
CA VAL C 245 -18.90 -25.45 -16.89
C VAL C 245 -18.38 -26.54 -17.85
N ALA C 246 -17.91 -26.15 -19.03
CA ALA C 246 -17.37 -27.09 -20.03
C ALA C 246 -16.23 -27.88 -19.43
N TYR C 247 -15.34 -27.25 -18.70
CA TYR C 247 -14.25 -28.00 -18.07
C TYR C 247 -14.77 -29.08 -17.10
N VAL C 248 -15.90 -28.85 -16.44
CA VAL C 248 -16.43 -29.86 -15.51
C VAL C 248 -17.01 -31.04 -16.28
N ILE C 249 -17.68 -30.76 -17.39
CA ILE C 249 -18.25 -31.78 -18.27
C ILE C 249 -17.13 -32.63 -18.88
N ASP C 250 -16.18 -32.01 -19.57
CA ASP C 250 -15.06 -32.73 -20.19
C ASP C 250 -13.77 -31.92 -20.05
N PRO C 251 -12.89 -32.32 -19.12
CA PRO C 251 -11.62 -31.62 -18.90
C PRO C 251 -10.77 -31.51 -20.14
N SER C 252 -11.00 -32.35 -21.13
CA SER C 252 -10.19 -32.28 -22.32
C SER C 252 -10.52 -31.11 -23.23
N VAL C 253 -11.51 -30.29 -22.89
CA VAL C 253 -11.79 -29.13 -23.73
C VAL C 253 -10.71 -28.08 -23.60
N MET C 254 -9.85 -28.21 -22.59
CA MET C 254 -8.81 -27.20 -22.43
C MET C 254 -7.55 -27.73 -21.75
N THR C 255 -6.43 -27.11 -22.02
CA THR C 255 -5.20 -27.52 -21.41
C THR C 255 -5.04 -26.68 -20.17
N THR C 256 -4.38 -27.20 -19.15
CA THR C 256 -4.19 -26.45 -17.92
C THR C 256 -2.73 -26.62 -17.47
N GLU C 257 -2.25 -25.65 -16.70
CA GLU C 257 -0.89 -25.66 -16.17
C GLU C 257 -0.99 -25.55 -14.66
N ARG C 258 -0.25 -26.33 -13.93
CA ARG C 258 -0.29 -26.31 -12.50
C ARG C 258 0.78 -25.35 -12.02
N VAL C 259 0.36 -24.19 -11.51
CA VAL C 259 1.26 -23.15 -10.99
C VAL C 259 0.68 -22.43 -9.79
N PRO C 260 1.54 -21.83 -8.95
CA PRO C 260 1.07 -21.10 -7.77
C PRO C 260 0.37 -19.80 -8.21
N VAL C 261 -0.76 -19.47 -7.61
CA VAL C 261 -1.49 -18.23 -7.94
C VAL C 261 -1.95 -17.53 -6.65
N ASP C 262 -1.67 -16.23 -6.51
CA ASP C 262 -2.09 -15.49 -5.30
C ASP C 262 -2.73 -14.21 -5.76
N ILE C 263 -3.38 -13.48 -4.86
CA ILE C 263 -4.13 -12.27 -5.19
C ILE C 263 -3.50 -11.03 -4.56
N GLU C 264 -3.30 -10.01 -5.39
CA GLU C 264 -2.69 -8.74 -4.95
C GLU C 264 -3.76 -7.86 -4.34
N LEU C 265 -3.56 -7.52 -3.06
CA LEU C 265 -4.51 -6.70 -2.32
C LEU C 265 -4.13 -5.22 -2.11
N THR C 266 -2.84 -4.88 -2.19
CA THR C 266 -2.40 -3.49 -1.94
C THR C 266 -1.83 -2.71 -3.09
N GLY C 267 -1.48 -3.34 -4.20
CA GLY C 267 -0.91 -2.59 -5.28
C GLY C 267 -1.79 -1.47 -5.79
N LYS C 268 -1.17 -0.38 -6.24
CA LYS C 268 -1.91 0.75 -6.77
C LYS C 268 -2.32 0.52 -8.23
N LEU C 269 -1.43 -0.07 -9.01
CA LEU C 269 -1.68 -0.39 -10.40
C LEU C 269 -2.12 -1.84 -10.53
N THR C 270 -1.67 -2.70 -9.63
CA THR C 270 -1.97 -4.10 -9.72
C THR C 270 -3.02 -4.70 -8.80
N LEU C 271 -3.88 -3.86 -8.21
CA LEU C 271 -4.93 -4.37 -7.31
C LEU C 271 -5.79 -5.40 -7.99
N GLY C 272 -5.96 -6.55 -7.38
CA GLY C 272 -6.83 -7.53 -7.98
C GLY C 272 -6.24 -8.49 -8.98
N MET C 273 -4.94 -8.38 -9.22
CA MET C 273 -4.25 -9.24 -10.16
C MET C 273 -4.05 -10.64 -9.58
N THR C 274 -4.16 -11.67 -10.42
CA THR C 274 -3.91 -13.04 -10.03
C THR C 274 -2.46 -13.22 -10.45
N VAL C 275 -1.56 -13.22 -9.50
CA VAL C 275 -0.17 -13.33 -9.82
C VAL C 275 0.20 -14.78 -9.89
N ALA C 276 0.66 -15.22 -11.06
CA ALA C 276 1.03 -16.64 -11.24
C ALA C 276 2.51 -16.73 -11.33
N ASP C 277 3.11 -17.73 -10.70
CA ASP C 277 4.54 -17.87 -10.72
C ASP C 277 5.01 -18.97 -11.68
N PHE C 278 5.30 -18.59 -12.92
CA PHE C 278 5.74 -19.54 -13.95
C PHE C 278 7.25 -19.83 -13.95
N ARG C 279 8.02 -19.24 -13.03
CA ARG C 279 9.47 -19.49 -13.00
C ARG C 279 9.73 -20.95 -12.77
N ASN C 280 10.61 -21.53 -13.59
CA ASN C 280 10.90 -22.96 -13.46
C ASN C 280 12.14 -23.43 -12.71
N PRO C 281 11.89 -24.33 -11.76
CA PRO C 281 11.81 -25.33 -10.68
C PRO C 281 10.37 -25.20 -10.15
N ARG C 282 9.39 -25.58 -10.98
CA ARG C 282 7.98 -25.48 -10.59
C ARG C 282 7.61 -26.40 -9.44
N PRO C 283 6.93 -25.84 -8.42
CA PRO C 283 6.44 -26.42 -7.17
C PRO C 283 6.23 -27.91 -7.01
N GLU C 284 5.37 -28.50 -7.84
CA GLU C 284 5.06 -29.93 -7.71
C GLU C 284 4.31 -30.01 -6.36
N HIS C 285 3.03 -30.39 -6.42
CA HIS C 285 2.16 -30.42 -5.25
C HIS C 285 1.77 -28.95 -5.08
N CYS C 286 0.85 -28.52 -5.92
CA CYS C 286 0.39 -27.15 -5.95
C CYS C 286 -1.12 -27.25 -6.11
N HIS C 287 -1.88 -26.67 -5.19
CA HIS C 287 -3.33 -26.76 -5.27
C HIS C 287 -4.05 -25.91 -6.30
N THR C 288 -3.33 -25.16 -7.12
CA THR C 288 -3.98 -24.32 -8.12
C THR C 288 -3.47 -24.59 -9.50
N GLN C 289 -4.27 -24.31 -10.52
CA GLN C 289 -3.82 -24.51 -11.89
C GLN C 289 -4.60 -23.57 -12.75
N VAL C 290 -3.99 -23.07 -13.81
CA VAL C 290 -4.62 -22.12 -14.71
C VAL C 290 -4.95 -22.80 -16.07
N ALA C 291 -5.98 -22.31 -16.78
CA ALA C 291 -6.34 -22.86 -18.07
C ALA C 291 -5.58 -22.12 -19.15
N VAL C 292 -5.09 -22.84 -20.17
CA VAL C 292 -4.30 -22.24 -21.27
C VAL C 292 -4.92 -22.21 -22.66
N LYS C 293 -5.03 -23.37 -23.30
CA LYS C 293 -5.61 -23.45 -24.64
C LYS C 293 -6.99 -24.10 -24.67
N LEU C 294 -7.90 -23.57 -25.50
CA LEU C 294 -9.24 -24.11 -25.60
C LEU C 294 -9.46 -24.87 -26.92
N ASP C 295 -10.14 -26.01 -26.85
CA ASP C 295 -10.49 -26.80 -28.04
C ASP C 295 -11.80 -26.14 -28.55
N PHE C 296 -11.66 -25.12 -29.37
CA PHE C 296 -12.78 -24.37 -29.91
C PHE C 296 -13.97 -25.15 -30.47
N GLU C 297 -13.71 -26.19 -31.26
CA GLU C 297 -14.80 -27.00 -31.84
C GLU C 297 -15.52 -27.81 -30.81
N LYS C 298 -14.78 -28.49 -29.93
CA LYS C 298 -15.41 -29.26 -28.88
C LYS C 298 -16.23 -28.38 -27.95
N PHE C 299 -15.72 -27.19 -27.63
CA PHE C 299 -16.43 -26.28 -26.75
C PHE C 299 -17.74 -25.91 -27.35
N TRP C 300 -17.76 -25.36 -28.55
CA TRP C 300 -19.03 -24.99 -29.13
C TRP C 300 -19.95 -26.18 -29.40
N GLY C 301 -19.34 -27.34 -29.54
CA GLY C 301 -20.10 -28.56 -29.76
C GLY C 301 -20.98 -28.82 -28.56
N LEU C 302 -20.38 -28.74 -27.36
CA LEU C 302 -21.08 -28.95 -26.11
C LEU C 302 -22.23 -27.99 -25.90
N VAL C 303 -22.05 -26.74 -26.29
CA VAL C 303 -23.12 -25.74 -26.14
C VAL C 303 -24.30 -26.07 -27.03
N LEU C 304 -24.06 -26.24 -28.33
CA LEU C 304 -25.12 -26.58 -29.28
C LEU C 304 -25.85 -27.89 -28.92
N ASP C 305 -25.10 -28.89 -28.49
CA ASP C 305 -25.67 -30.16 -28.09
C ASP C 305 -26.61 -29.94 -26.93
N ALA C 306 -26.24 -29.04 -26.01
CA ALA C 306 -27.08 -28.73 -24.86
C ALA C 306 -28.34 -28.01 -25.33
N LEU C 307 -28.17 -27.04 -26.23
CA LEU C 307 -29.33 -26.31 -26.74
C LEU C 307 -30.35 -27.24 -27.39
N GLU C 308 -29.87 -28.26 -28.11
CA GLU C 308 -30.75 -29.21 -28.77
C GLU C 308 -31.48 -30.10 -27.77
N ARG C 309 -30.80 -30.55 -26.73
CA ARG C 309 -31.45 -31.39 -25.74
C ARG C 309 -32.52 -30.67 -24.95
N ILE C 310 -32.28 -29.40 -24.63
CA ILE C 310 -33.25 -28.63 -23.87
C ILE C 310 -34.51 -28.56 -24.71
N GLY C 311 -34.31 -28.48 -26.01
CA GLY C 311 -35.42 -28.42 -26.92
C GLY C 311 -36.27 -27.19 -26.77
N ASP C 312 -37.57 -27.38 -26.71
CA ASP C 312 -38.51 -26.28 -26.59
C ASP C 312 -39.54 -26.67 -25.52
N PRO C 313 -39.30 -26.33 -24.26
CA PRO C 313 -40.25 -26.69 -23.21
C PRO C 313 -41.45 -25.73 -23.14
N ALA D 1 27.21 33.76 15.52
CA ALA D 1 27.83 32.64 16.28
C ALA D 1 27.36 31.28 15.77
N LYS D 2 26.08 31.12 15.51
CA LYS D 2 25.58 29.84 15.00
C LYS D 2 25.27 29.98 13.52
N LYS D 3 26.09 29.34 12.69
CA LYS D 3 25.92 29.40 11.23
C LYS D 3 24.77 28.51 10.79
N ILE D 4 23.84 29.05 10.00
CA ILE D 4 22.75 28.22 9.50
C ILE D 4 22.46 28.44 8.01
N ILE D 5 21.78 27.46 7.39
CA ILE D 5 21.33 27.60 6.01
C ILE D 5 19.84 27.48 6.21
N LEU D 6 19.08 28.47 5.78
CA LEU D 6 17.63 28.44 5.96
C LEU D 6 17.06 28.02 4.63
N ASP D 7 16.42 26.84 4.59
CA ASP D 7 15.83 26.33 3.34
C ASP D 7 14.35 26.55 3.56
N CYS D 8 13.73 27.36 2.70
CA CYS D 8 12.33 27.69 2.89
C CYS D 8 11.53 27.97 1.63
N ASP D 9 10.24 28.15 1.82
CA ASP D 9 9.35 28.39 0.70
C ASP D 9 8.51 29.57 1.05
N PRO D 10 9.14 30.73 1.16
CA PRO D 10 8.46 31.97 1.50
C PRO D 10 7.05 32.21 1.14
N GLY D 11 6.29 32.02 2.22
CA GLY D 11 4.87 32.22 2.33
C GLY D 11 4.90 33.12 3.58
N LEU D 12 3.73 33.43 4.13
CA LEU D 12 3.60 34.32 5.28
C LEU D 12 4.53 34.04 6.45
N ASP D 13 4.48 32.83 7.02
CA ASP D 13 5.34 32.59 8.16
C ASP D 13 6.82 32.41 7.88
N ASP D 14 7.19 32.01 6.66
CA ASP D 14 8.62 31.83 6.33
C ASP D 14 9.29 33.19 6.41
N ALA D 15 8.55 34.22 5.97
CA ALA D 15 9.04 35.59 6.02
C ALA D 15 9.49 36.00 7.45
N VAL D 16 8.67 35.68 8.45
CA VAL D 16 8.98 36.03 9.83
C VAL D 16 10.22 35.26 10.28
N ALA D 17 10.40 34.04 9.79
CA ALA D 17 11.58 33.26 10.16
C ALA D 17 12.84 33.93 9.58
N ILE D 18 12.73 34.54 8.40
CA ILE D 18 13.89 35.21 7.82
C ILE D 18 14.25 36.46 8.64
N LEU D 19 13.24 37.26 9.02
CA LEU D 19 13.46 38.47 9.84
C LEU D 19 14.13 38.08 11.15
N LEU D 20 13.60 37.08 11.83
CA LEU D 20 14.19 36.63 13.08
C LEU D 20 15.63 36.16 12.89
N ALA D 21 15.90 35.41 11.83
CA ALA D 21 17.25 34.90 11.60
C ALA D 21 18.21 36.02 11.32
N HIS D 22 17.72 37.04 10.65
CA HIS D 22 18.54 38.18 10.30
C HIS D 22 18.83 39.06 11.52
N GLY D 23 17.75 39.53 12.17
CA GLY D 23 17.86 40.38 13.34
C GLY D 23 18.54 39.83 14.57
N ASN D 24 18.46 38.54 14.82
CA ASN D 24 19.08 38.03 16.02
C ASN D 24 20.59 37.94 15.89
N PRO D 25 21.31 38.46 16.89
CA PRO D 25 22.79 38.46 16.92
C PRO D 25 23.45 37.11 17.10
N GLU D 26 22.70 36.09 17.43
CA GLU D 26 23.25 34.76 17.68
C GLU D 26 23.35 33.90 16.45
N ILE D 27 22.61 34.28 15.43
CA ILE D 27 22.57 33.55 14.18
C ILE D 27 23.43 34.16 13.08
N GLU D 28 24.17 33.33 12.36
CA GLU D 28 24.95 33.82 11.22
C GLU D 28 24.33 33.12 10.00
N LEU D 29 23.60 33.87 9.21
CA LEU D 29 22.94 33.33 8.04
C LEU D 29 23.84 33.13 6.82
N LEU D 30 24.30 31.90 6.54
CA LEU D 30 25.16 31.65 5.37
C LEU D 30 24.43 31.75 4.02
N ALA D 31 23.17 31.35 3.98
CA ALA D 31 22.38 31.39 2.75
C ALA D 31 20.90 31.13 2.97
N ILE D 32 20.10 31.57 2.02
CA ILE D 32 18.68 31.35 2.03
C ILE D 32 18.43 30.56 0.72
N THR D 33 17.98 29.30 0.80
CA THR D 33 17.70 28.50 -0.40
C THR D 33 16.20 28.26 -0.49
N THR D 34 15.62 28.21 -1.68
CA THR D 34 14.18 28.00 -1.79
C THR D 34 13.73 26.66 -2.44
N VAL D 35 12.50 26.20 -2.14
CA VAL D 35 11.90 24.94 -2.66
C VAL D 35 10.45 25.15 -2.99
N VAL D 36 9.84 24.22 -3.73
CA VAL D 36 8.40 24.32 -4.04
C VAL D 36 7.67 24.01 -2.73
N GLY D 37 6.47 24.54 -2.61
CA GLY D 37 5.69 24.29 -1.42
C GLY D 37 4.49 25.20 -1.35
N ASN D 38 4.60 26.23 -0.52
CA ASN D 38 3.49 27.15 -0.34
C ASN D 38 3.06 27.66 -1.68
N GLN D 39 4.02 27.87 -2.57
CA GLN D 39 3.71 28.31 -3.92
C GLN D 39 4.74 27.66 -4.84
N THR D 40 4.65 27.92 -6.15
CA THR D 40 5.63 27.37 -7.09
C THR D 40 7.00 28.04 -6.87
N LEU D 41 8.07 27.30 -7.13
CA LEU D 41 9.45 27.77 -6.96
C LEU D 41 9.72 29.19 -7.41
N ALA D 42 9.15 29.56 -8.53
CA ALA D 42 9.36 30.90 -9.04
C ALA D 42 8.81 31.91 -8.06
N LYS D 43 7.53 31.81 -7.75
CA LYS D 43 6.91 32.74 -6.80
C LYS D 43 7.61 32.82 -5.46
N VAL D 44 7.87 31.66 -4.89
CA VAL D 44 8.53 31.58 -3.60
C VAL D 44 9.92 32.23 -3.60
N THR D 45 10.62 32.15 -4.73
CA THR D 45 11.95 32.73 -4.81
C THR D 45 11.89 34.26 -4.89
N ARG D 46 10.92 34.74 -5.65
CA ARG D 46 10.68 36.16 -5.78
C ARG D 46 10.34 36.70 -4.37
N ASN D 47 9.52 35.95 -3.62
CA ASN D 47 9.15 36.36 -2.27
C ASN D 47 10.38 36.44 -1.36
N ALA D 48 11.29 35.47 -1.44
CA ALA D 48 12.49 35.52 -0.61
C ALA D 48 13.30 36.83 -0.87
N GLN D 49 13.37 37.24 -2.14
CA GLN D 49 14.08 38.46 -2.51
C GLN D 49 13.34 39.65 -1.88
N LEU D 50 12.03 39.69 -2.03
CA LEU D 50 11.23 40.76 -1.44
C LEU D 50 11.54 40.95 0.06
N VAL D 51 11.47 39.90 0.86
CA VAL D 51 11.75 40.11 2.27
C VAL D 51 13.22 40.36 2.54
N ALA D 52 14.11 39.81 1.74
CA ALA D 52 15.53 40.08 1.96
C ALA D 52 15.79 41.57 1.74
N ASP D 53 15.06 42.16 0.80
CA ASP D 53 15.20 43.57 0.50
C ASP D 53 14.67 44.41 1.65
N ILE D 54 13.44 44.13 2.07
CA ILE D 54 12.78 44.84 3.16
C ILE D 54 13.60 44.82 4.43
N ALA D 55 14.21 43.70 4.76
CA ALA D 55 15.02 43.62 5.97
C ALA D 55 16.45 44.12 5.75
N GLY D 56 16.74 44.56 4.53
CA GLY D 56 18.07 45.05 4.20
C GLY D 56 19.19 44.03 4.35
N ILE D 57 18.94 42.80 3.93
CA ILE D 57 19.98 41.79 4.04
C ILE D 57 20.97 41.99 2.88
N THR D 58 22.28 41.83 3.15
CA THR D 58 23.31 41.92 2.10
C THR D 58 24.37 40.89 2.45
N GLY D 59 25.04 40.39 1.42
CA GLY D 59 26.10 39.43 1.64
C GLY D 59 25.63 38.00 1.87
N VAL D 60 24.36 37.76 1.60
CA VAL D 60 23.80 36.43 1.78
C VAL D 60 23.21 35.97 0.46
N PRO D 61 23.72 34.87 -0.09
CA PRO D 61 23.20 34.35 -1.36
C PRO D 61 21.79 33.72 -1.24
N ILE D 62 20.94 34.00 -2.23
CA ILE D 62 19.60 33.44 -2.29
C ILE D 62 19.61 32.53 -3.53
N ALA D 63 19.62 31.20 -3.31
CA ALA D 63 19.66 30.21 -4.40
C ALA D 63 18.39 29.38 -4.53
N ALA D 64 17.81 29.34 -5.73
CA ALA D 64 16.61 28.51 -5.95
C ALA D 64 16.99 27.02 -6.02
N GLY D 65 16.03 26.15 -5.70
CA GLY D 65 16.28 24.71 -5.74
C GLY D 65 15.23 23.94 -6.57
N CYS D 66 14.87 22.74 -6.11
CA CYS D 66 13.91 21.89 -6.83
C CYS D 66 12.55 22.49 -7.04
N ASP D 67 12.06 22.42 -8.26
CA ASP D 67 10.75 22.96 -8.58
C ASP D 67 9.63 21.93 -8.52
N LYS D 68 9.96 20.70 -8.11
CA LYS D 68 9.00 19.56 -8.07
C LYS D 68 9.39 18.59 -7.00
N PRO D 69 8.40 17.85 -6.47
CA PRO D 69 8.70 16.86 -5.44
C PRO D 69 9.50 15.77 -6.14
N LEU D 70 10.17 14.94 -5.35
CA LEU D 70 11.00 13.86 -5.86
C LEU D 70 10.21 12.90 -6.76
N VAL D 71 9.12 12.35 -6.26
CA VAL D 71 8.32 11.41 -7.03
C VAL D 71 6.86 11.80 -7.30
N ARG D 72 6.23 12.43 -6.31
CA ARG D 72 4.83 12.82 -6.40
C ARG D 72 4.58 14.04 -7.23
N LYS D 73 3.32 14.32 -7.52
CA LYS D 73 2.98 15.48 -8.33
C LYS D 73 2.93 16.72 -7.45
N ILE D 74 3.29 17.88 -8.01
CA ILE D 74 3.30 19.16 -7.30
C ILE D 74 1.97 19.44 -6.57
N MET D 75 2.09 19.94 -5.35
CA MET D 75 0.93 20.30 -4.53
C MET D 75 1.32 21.56 -3.75
N THR D 76 0.60 22.66 -3.96
CA THR D 76 0.93 23.90 -3.27
C THR D 76 -0.16 24.32 -2.28
N ALA D 77 0.07 25.42 -1.55
CA ALA D 77 -0.90 25.92 -0.56
C ALA D 77 -1.27 27.39 -0.78
N GLY D 78 -1.67 27.72 -2.02
CA GLY D 78 -2.03 29.08 -2.37
C GLY D 78 -3.30 29.59 -1.72
N HIS D 79 -4.09 28.69 -1.16
CA HIS D 79 -5.34 29.11 -0.49
C HIS D 79 -5.06 29.68 0.90
N ILE D 80 -3.84 29.45 1.38
CA ILE D 80 -3.43 29.97 2.68
C ILE D 80 -2.56 31.22 2.50
N HIS D 81 -1.64 31.17 1.54
CA HIS D 81 -0.72 32.30 1.33
C HIS D 81 -1.02 33.21 0.14
N GLY D 82 -2.21 33.07 -0.42
CA GLY D 82 -2.56 33.90 -1.57
C GLY D 82 -1.90 33.36 -2.83
N GLU D 83 -2.19 33.99 -3.99
CA GLU D 83 -1.61 33.54 -5.24
C GLU D 83 -0.12 33.83 -5.28
N SER D 84 0.26 35.01 -4.81
CA SER D 84 1.67 35.43 -4.78
C SER D 84 2.51 34.60 -3.80
N GLY D 85 1.82 33.95 -2.86
CA GLY D 85 2.52 33.17 -1.84
C GLY D 85 2.87 34.09 -0.69
N MET D 86 2.93 35.40 -0.96
CA MET D 86 3.27 36.41 0.04
C MET D 86 2.03 37.21 0.36
N GLY D 87 0.92 36.50 0.40
CA GLY D 87 -0.35 37.12 0.72
C GLY D 87 -0.78 38.25 -0.18
N THR D 88 -0.60 39.47 0.31
CA THR D 88 -1.06 40.65 -0.43
C THR D 88 -0.08 41.80 -0.57
N VAL D 89 1.21 41.51 -0.65
CA VAL D 89 2.20 42.56 -0.79
C VAL D 89 2.51 42.85 -2.26
N ALA D 90 2.81 44.12 -2.57
CA ALA D 90 3.15 44.54 -3.93
C ALA D 90 4.66 44.43 -4.05
N TYR D 91 5.13 43.98 -5.21
CA TYR D 91 6.56 43.79 -5.40
C TYR D 91 7.18 45.01 -6.02
N PRO D 92 8.48 45.21 -5.78
CA PRO D 92 9.17 46.36 -6.34
C PRO D 92 9.45 46.10 -7.82
N ALA D 93 9.84 47.16 -8.53
CA ALA D 93 10.14 47.07 -9.95
C ALA D 93 11.39 46.21 -10.13
N GLU D 94 12.35 46.40 -9.24
CA GLU D 94 13.60 45.65 -9.31
C GLU D 94 14.01 45.28 -7.89
N PHE D 95 14.66 44.15 -7.74
CA PHE D 95 15.09 43.69 -6.43
C PHE D 95 16.55 44.01 -6.32
N LYS D 96 16.99 44.38 -5.13
CA LYS D 96 18.39 44.69 -4.90
C LYS D 96 19.12 43.36 -4.79
N ASN D 97 18.48 42.38 -4.15
CA ASN D 97 19.07 41.05 -4.00
C ASN D 97 18.69 40.22 -5.22
N LYS D 98 19.71 39.59 -5.82
CA LYS D 98 19.55 38.78 -7.03
C LYS D 98 19.66 37.29 -6.72
N VAL D 99 18.97 36.47 -7.50
CA VAL D 99 19.02 35.03 -7.26
C VAL D 99 20.37 34.55 -7.71
N ASP D 100 21.05 33.79 -6.85
CA ASP D 100 22.38 33.24 -7.15
C ASP D 100 22.34 32.38 -8.42
N GLU D 101 23.53 32.11 -8.95
CA GLU D 101 23.66 31.34 -10.18
C GLU D 101 23.59 29.82 -9.91
N ARG D 102 24.14 29.40 -8.78
CA ARG D 102 24.15 28.00 -8.41
C ARG D 102 22.77 27.45 -7.98
N HIS D 103 22.60 26.14 -8.18
CA HIS D 103 21.38 25.47 -7.78
C HIS D 103 21.57 25.29 -6.27
N ALA D 104 20.51 25.52 -5.51
CA ALA D 104 20.48 25.38 -4.05
C ALA D 104 21.09 24.08 -3.60
N VAL D 105 20.84 23.01 -4.33
CA VAL D 105 21.40 21.71 -3.96
C VAL D 105 22.92 21.75 -4.02
N ASN D 106 23.46 22.44 -5.03
CA ASN D 106 24.91 22.52 -5.16
C ASN D 106 25.49 23.50 -4.13
N LEU D 107 24.79 24.61 -3.89
CA LEU D 107 25.25 25.61 -2.90
C LEU D 107 25.34 24.99 -1.51
N ILE D 108 24.29 24.30 -1.09
CA ILE D 108 24.31 23.63 0.21
C ILE D 108 25.47 22.66 0.32
N ILE D 109 25.73 21.88 -0.73
CA ILE D 109 26.82 20.90 -0.67
C ILE D 109 28.13 21.68 -0.59
N ASP D 110 28.20 22.77 -1.35
CA ASP D 110 29.38 23.61 -1.39
C ASP D 110 29.73 24.15 0.00
N LEU D 111 28.77 24.83 0.62
CA LEU D 111 28.96 25.41 1.93
C LEU D 111 29.38 24.38 2.96
N VAL D 112 28.66 23.27 3.02
CA VAL D 112 28.99 22.27 4.02
C VAL D 112 30.37 21.63 3.81
N MET D 113 30.74 21.33 2.56
CA MET D 113 32.04 20.70 2.30
C MET D 113 33.19 21.64 2.50
N SER D 114 32.98 22.92 2.23
CA SER D 114 34.06 23.89 2.40
C SER D 114 34.27 24.43 3.84
N HIS D 115 33.30 24.29 4.72
CA HIS D 115 33.49 24.76 6.10
C HIS D 115 33.93 23.64 7.00
N GLU D 116 34.36 24.01 8.20
CA GLU D 116 34.81 23.02 9.17
C GLU D 116 33.65 22.14 9.58
N PRO D 117 33.94 20.87 9.89
CA PRO D 117 32.92 19.90 10.30
C PRO D 117 32.12 20.37 11.51
N LYS D 118 30.85 20.00 11.53
CA LYS D 118 29.96 20.30 12.64
C LYS D 118 29.79 21.78 13.00
N THR D 119 29.79 22.65 12.02
CA THR D 119 29.62 24.04 12.35
C THR D 119 28.35 24.61 11.71
N ILE D 120 27.78 23.92 10.73
CA ILE D 120 26.57 24.42 10.08
C ILE D 120 25.34 23.61 10.47
N THR D 121 24.24 24.27 10.81
CA THR D 121 23.03 23.51 11.11
C THR D 121 22.02 23.91 10.04
N LEU D 122 21.32 22.90 9.48
CA LEU D 122 20.34 23.13 8.41
C LEU D 122 19.01 23.38 9.06
N VAL D 123 18.29 24.38 8.55
CA VAL D 123 16.99 24.74 9.10
C VAL D 123 15.96 24.80 7.98
N PRO D 124 15.36 23.65 7.64
CA PRO D 124 14.33 23.59 6.60
C PRO D 124 12.97 23.96 7.20
N THR D 125 12.24 24.83 6.53
CA THR D 125 10.94 25.23 6.98
C THR D 125 9.92 25.10 5.83
N GLY D 126 10.28 24.23 4.86
CA GLY D 126 9.43 23.92 3.72
C GLY D 126 9.47 22.40 3.42
N GLY D 127 9.11 21.98 2.21
CA GLY D 127 9.19 20.56 1.90
C GLY D 127 10.66 20.20 1.92
N LEU D 128 10.97 18.95 2.23
CA LEU D 128 12.35 18.51 2.31
C LEU D 128 13.12 18.08 1.04
N THR D 129 12.58 18.41 -0.14
CA THR D 129 13.19 18.03 -1.45
C THR D 129 14.68 18.33 -1.67
N ASN D 130 15.11 19.58 -1.43
CA ASN D 130 16.52 20.00 -1.59
C ASN D 130 17.43 19.31 -0.59
N ILE D 131 16.99 19.13 0.65
CA ILE D 131 17.88 18.52 1.66
C ILE D 131 18.15 17.05 1.33
N ALA D 132 17.11 16.36 0.83
CA ALA D 132 17.19 14.93 0.47
C ALA D 132 18.06 14.76 -0.79
N MET D 133 17.85 15.63 -1.78
CA MET D 133 18.67 15.56 -2.99
C MET D 133 20.15 15.73 -2.57
N ALA D 134 20.44 16.76 -1.79
CA ALA D 134 21.83 17.02 -1.35
C ALA D 134 22.44 15.85 -0.58
N ALA D 135 21.68 15.25 0.32
CA ALA D 135 22.20 14.11 1.07
C ALA D 135 22.48 12.89 0.15
N ARG D 136 21.74 12.77 -0.96
CA ARG D 136 21.92 11.61 -1.85
C ARG D 136 23.05 11.90 -2.83
N LEU D 137 23.09 13.13 -3.35
CA LEU D 137 24.13 13.53 -4.29
C LEU D 137 25.54 13.55 -3.68
N GLU D 138 25.67 13.94 -2.42
CA GLU D 138 26.98 13.96 -1.74
C GLU D 138 26.74 13.50 -0.31
N PRO D 139 26.77 12.19 -0.10
CA PRO D 139 26.51 11.65 1.23
C PRO D 139 27.46 12.10 2.31
N ARG D 140 28.55 12.73 1.91
CA ARG D 140 29.52 13.16 2.92
C ARG D 140 29.01 14.30 3.81
N ILE D 141 28.00 15.04 3.34
CA ILE D 141 27.46 16.13 4.12
C ILE D 141 26.67 15.69 5.34
N VAL D 142 26.13 14.47 5.37
CA VAL D 142 25.36 14.12 6.56
C VAL D 142 26.19 14.03 7.83
N ASP D 143 27.45 13.60 7.72
CA ASP D 143 28.29 13.54 8.92
C ASP D 143 28.90 14.89 9.29
N ARG D 144 28.90 15.84 8.35
CA ARG D 144 29.49 17.16 8.59
C ARG D 144 28.52 18.16 9.16
N VAL D 145 27.26 18.01 8.80
CA VAL D 145 26.25 18.91 9.29
C VAL D 145 26.18 18.78 10.80
N LYS D 146 25.96 19.90 11.49
CA LYS D 146 25.89 19.84 12.95
C LYS D 146 24.61 19.10 13.35
N GLU D 147 23.49 19.54 12.79
CA GLU D 147 22.20 18.95 13.08
C GLU D 147 21.18 19.62 12.18
N VAL D 148 20.00 19.03 12.10
CA VAL D 148 18.93 19.54 11.27
C VAL D 148 17.77 19.92 12.18
N VAL D 149 17.22 21.11 12.03
CA VAL D 149 16.12 21.53 12.90
C VAL D 149 15.09 21.99 11.90
N LEU D 150 14.02 21.24 11.75
CA LEU D 150 13.05 21.56 10.73
C LEU D 150 11.68 21.81 11.26
N MET D 151 10.93 22.64 10.55
CA MET D 151 9.55 22.87 10.92
C MET D 151 8.75 21.94 10.03
N GLY D 152 8.07 20.97 10.64
CA GLY D 152 7.27 20.04 9.86
C GLY D 152 6.82 18.87 10.69
N GLY D 153 5.74 18.21 10.27
CA GLY D 153 5.28 17.05 11.00
C GLY D 153 4.29 17.37 12.07
N GLY D 154 3.99 16.33 12.86
CA GLY D 154 3.08 16.44 13.97
C GLY D 154 2.89 15.05 14.53
N TYR D 155 3.38 14.77 15.73
CA TYR D 155 3.18 13.43 16.23
C TYR D 155 1.72 13.15 16.66
N HIS D 156 0.90 14.17 16.95
CA HIS D 156 -0.50 13.92 17.35
C HIS D 156 -1.48 14.88 16.68
N GLU D 157 -1.01 15.61 15.68
CA GLU D 157 -1.85 16.58 14.97
C GLU D 157 -1.47 16.64 13.53
N GLY D 158 -2.40 17.06 12.71
CA GLY D 158 -2.11 17.19 11.29
C GLY D 158 -2.91 18.37 10.82
N ASN D 159 -2.59 18.87 9.64
CA ASN D 159 -3.34 19.96 9.09
C ASN D 159 -3.79 19.69 7.67
N ALA D 160 -2.85 19.18 6.84
CA ALA D 160 -3.14 18.87 5.45
C ALA D 160 -4.21 17.75 5.46
N THR D 161 -4.01 16.77 6.33
CA THR D 161 -4.98 15.72 6.50
C THR D 161 -5.19 15.61 8.02
N SER D 162 -6.02 14.66 8.45
CA SER D 162 -6.27 14.51 9.87
C SER D 162 -5.03 14.14 10.65
N VAL D 163 -4.06 13.49 10.02
CA VAL D 163 -2.85 13.12 10.73
C VAL D 163 -1.53 13.59 10.08
N ALA D 164 -1.59 14.30 8.96
CA ALA D 164 -0.34 14.72 8.35
C ALA D 164 -0.23 16.21 8.14
N GLU D 165 1.00 16.68 8.27
CA GLU D 165 1.33 18.09 8.16
C GLU D 165 1.84 18.36 6.74
N PHE D 166 1.44 19.50 6.18
CA PHE D 166 1.77 19.91 4.84
C PHE D 166 3.20 19.69 4.35
N ASN D 167 4.19 20.27 5.04
CA ASN D 167 5.57 20.15 4.60
C ASN D 167 6.00 18.72 4.38
N ILE D 168 5.48 17.78 5.17
CA ILE D 168 5.91 16.39 5.01
C ILE D 168 5.15 15.68 3.89
N ILE D 169 3.87 15.96 3.77
CA ILE D 169 3.07 15.29 2.78
C ILE D 169 3.34 15.75 1.35
N ILE D 170 3.83 16.96 1.14
CA ILE D 170 4.09 17.35 -0.26
C ILE D 170 5.26 16.59 -0.89
N ASP D 171 6.05 15.90 -0.07
CA ASP D 171 7.14 15.12 -0.57
C ASP D 171 7.50 14.12 0.50
N PRO D 172 6.72 13.03 0.57
CA PRO D 172 6.98 12.02 1.60
C PRO D 172 8.28 11.29 1.43
N GLU D 173 8.68 11.03 0.19
CA GLU D 173 9.94 10.27 0.08
C GLU D 173 11.14 11.09 0.48
N ALA D 174 11.09 12.40 0.24
CA ALA D 174 12.20 13.26 0.66
C ALA D 174 12.26 13.25 2.18
N ALA D 175 11.10 13.39 2.84
CA ALA D 175 11.06 13.37 4.28
C ALA D 175 11.60 12.05 4.80
N HIS D 176 11.20 10.94 4.16
CA HIS D 176 11.66 9.63 4.57
C HIS D 176 13.20 9.59 4.48
N ILE D 177 13.77 10.21 3.44
CA ILE D 177 15.23 10.21 3.28
C ILE D 177 15.88 10.97 4.43
N VAL D 178 15.38 12.17 4.72
CA VAL D 178 15.93 13.01 5.80
C VAL D 178 15.83 12.35 7.19
N PHE D 179 14.64 11.87 7.57
CA PHE D 179 14.50 11.27 8.90
C PHE D 179 15.26 9.99 9.08
N ASN D 180 15.68 9.39 7.98
CA ASN D 180 16.40 8.13 8.09
C ASN D 180 17.89 8.18 7.97
N GLU D 181 18.45 9.35 7.67
CA GLU D 181 19.91 9.49 7.64
C GLU D 181 20.34 9.52 9.11
N SER D 182 21.62 9.31 9.37
CA SER D 182 22.10 9.28 10.77
C SER D 182 22.28 10.62 11.49
N TRP D 183 22.08 11.74 10.80
CA TRP D 183 22.25 13.03 11.44
C TRP D 183 21.16 13.27 12.50
N GLN D 184 21.41 14.21 13.40
CA GLN D 184 20.46 14.56 14.44
C GLN D 184 19.30 15.35 13.86
N VAL D 185 18.08 14.94 14.14
CA VAL D 185 16.94 15.66 13.60
C VAL D 185 16.03 16.13 14.74
N THR D 186 15.66 17.42 14.74
CA THR D 186 14.75 17.94 15.77
C THR D 186 13.51 18.30 15.00
N MET D 187 12.40 17.67 15.34
CA MET D 187 11.20 17.97 14.61
C MET D 187 10.31 18.95 15.36
N VAL D 188 10.19 20.16 14.82
CA VAL D 188 9.37 21.19 15.43
C VAL D 188 8.04 21.10 14.70
N GLY D 189 7.18 20.25 15.24
CA GLY D 189 5.90 19.98 14.62
C GLY D 189 4.70 20.80 15.04
N LEU D 190 3.57 20.52 14.40
CA LEU D 190 2.34 21.23 14.71
C LEU D 190 1.99 21.17 16.20
N ASP D 191 2.44 20.13 16.87
CA ASP D 191 2.13 19.96 18.29
C ASP D 191 2.67 21.17 19.03
N LEU D 192 3.85 21.63 18.60
CA LEU D 192 4.48 22.79 19.20
C LEU D 192 4.00 24.08 18.56
N THR D 193 4.16 24.20 17.26
CA THR D 193 3.79 25.41 16.58
C THR D 193 2.38 25.88 16.73
N HIS D 194 1.47 25.01 17.14
CA HIS D 194 0.11 25.49 17.33
C HIS D 194 0.00 26.39 18.58
N GLN D 195 1.10 26.45 19.35
CA GLN D 195 1.20 27.28 20.56
C GLN D 195 1.72 28.69 20.24
N ALA D 196 2.41 28.84 19.12
CA ALA D 196 2.96 30.14 18.75
C ALA D 196 1.92 31.02 18.11
N LEU D 197 0.92 31.40 18.90
CA LEU D 197 -0.18 32.23 18.41
C LEU D 197 0.16 33.71 18.38
N ALA D 198 -0.26 34.40 17.35
CA ALA D 198 0.00 35.83 17.25
C ALA D 198 -1.27 36.52 17.72
N THR D 199 -1.37 36.71 19.03
CA THR D 199 -2.55 37.34 19.66
C THR D 199 -2.50 38.87 19.59
N PRO D 200 -3.66 39.54 19.76
CA PRO D 200 -3.72 41.00 19.70
C PRO D 200 -2.60 41.73 20.45
N PRO D 201 -2.30 41.33 21.69
CA PRO D 201 -1.23 41.98 22.44
C PRO D 201 0.09 41.96 21.67
N ILE D 202 0.42 40.80 21.09
CA ILE D 202 1.66 40.64 20.33
C ILE D 202 1.63 41.55 19.11
N LEU D 203 0.54 41.51 18.36
CA LEU D 203 0.46 42.37 17.19
C LEU D 203 0.59 43.85 17.57
N GLN D 204 0.07 44.21 18.73
CA GLN D 204 0.17 45.57 19.21
C GLN D 204 1.65 45.89 19.53
N ARG D 205 2.31 45.01 20.26
CA ARG D 205 3.73 45.24 20.57
C ARG D 205 4.51 45.43 19.26
N VAL D 206 4.08 44.75 18.19
CA VAL D 206 4.76 44.85 16.90
C VAL D 206 4.50 46.20 16.24
N LYS D 207 3.26 46.66 16.25
CA LYS D 207 2.91 47.94 15.65
C LYS D 207 3.71 49.07 16.28
N GLU D 208 3.98 48.94 17.58
CA GLU D 208 4.75 49.94 18.30
C GLU D 208 6.22 50.04 17.92
N VAL D 209 6.77 49.04 17.23
CA VAL D 209 8.17 49.09 16.84
C VAL D 209 8.30 50.17 15.78
N ASP D 210 7.18 50.45 15.11
CA ASP D 210 7.09 51.49 14.11
C ASP D 210 8.25 51.67 13.11
N THR D 211 8.61 50.60 12.42
CA THR D 211 9.66 50.66 11.39
C THR D 211 9.06 50.02 10.16
N ASN D 212 9.76 50.09 9.03
CA ASN D 212 9.23 49.50 7.81
C ASN D 212 9.09 47.97 7.87
N PRO D 213 10.15 47.25 8.30
CA PRO D 213 10.07 45.79 8.39
C PRO D 213 8.87 45.41 9.26
N ALA D 214 8.69 46.13 10.38
CA ALA D 214 7.61 45.91 11.31
C ALA D 214 6.25 46.18 10.67
N ARG D 215 6.16 47.22 9.86
CA ARG D 215 4.88 47.49 9.23
C ARG D 215 4.58 46.39 8.24
N PHE D 216 5.62 45.85 7.61
CA PHE D 216 5.51 44.75 6.64
C PHE D 216 4.96 43.52 7.35
N MET D 217 5.61 43.12 8.43
CA MET D 217 5.17 41.96 9.21
C MET D 217 3.74 42.12 9.68
N LEU D 218 3.39 43.33 10.11
CA LEU D 218 2.05 43.59 10.59
C LEU D 218 1.06 43.35 9.46
N GLU D 219 1.43 43.77 8.25
CA GLU D 219 0.58 43.63 7.09
C GLU D 219 0.35 42.15 6.74
N ILE D 220 1.42 41.38 6.64
CA ILE D 220 1.27 39.98 6.30
C ILE D 220 0.61 39.18 7.43
N MET D 221 0.95 39.53 8.68
CA MET D 221 0.36 38.83 9.84
C MET D 221 -1.12 39.04 9.86
N ASP D 222 -1.53 40.18 9.32
CA ASP D 222 -2.93 40.49 9.26
C ASP D 222 -3.63 39.53 8.32
N TYR D 223 -3.11 39.39 7.11
CA TYR D 223 -3.68 38.51 6.09
C TYR D 223 -3.71 37.04 6.59
N TYR D 224 -2.59 36.63 7.18
CA TYR D 224 -2.43 35.29 7.72
C TYR D 224 -3.53 35.03 8.75
N THR D 225 -3.78 36.03 9.61
CA THR D 225 -4.81 35.93 10.65
C THR D 225 -6.22 35.79 10.09
N LYS D 226 -6.53 36.51 9.02
CA LYS D 226 -7.84 36.41 8.40
C LYS D 226 -8.07 34.98 7.89
N ILE D 227 -7.05 34.39 7.27
CA ILE D 227 -7.15 33.04 6.74
C ILE D 227 -7.39 32.00 7.82
N TYR D 228 -6.54 31.98 8.85
CA TYR D 228 -6.66 31.05 9.97
C TYR D 228 -8.02 31.13 10.69
N GLN D 229 -8.55 32.34 10.87
CA GLN D 229 -9.83 32.46 11.52
C GLN D 229 -10.95 31.86 10.67
N SER D 230 -10.81 31.97 9.35
CA SER D 230 -11.81 31.41 8.45
C SER D 230 -11.45 29.96 8.12
N ASN D 231 -10.66 29.80 7.05
CA ASN D 231 -10.21 28.50 6.52
C ASN D 231 -9.99 27.33 7.50
N ARG D 232 -8.84 27.33 8.16
CA ARG D 232 -8.48 26.26 9.09
C ARG D 232 -8.55 26.79 10.54
N TYR D 233 -9.80 26.95 11.00
CA TYR D 233 -10.16 27.47 12.33
C TYR D 233 -9.25 27.43 13.56
N MET D 234 -9.04 28.64 14.10
CA MET D 234 -8.25 28.92 15.29
C MET D 234 -8.56 30.39 15.56
N ALA D 235 -8.51 30.78 16.84
CA ALA D 235 -8.79 32.18 17.24
C ALA D 235 -7.75 33.18 16.70
N ALA D 236 -6.49 32.74 16.60
CA ALA D 236 -5.39 33.56 16.11
C ALA D 236 -4.60 32.68 15.17
N ALA D 237 -3.64 33.24 14.46
CA ALA D 237 -2.86 32.44 13.54
C ALA D 237 -1.66 31.84 14.27
N ALA D 238 -1.20 30.67 13.82
CA ALA D 238 -0.02 30.05 14.43
C ALA D 238 1.11 30.36 13.47
N VAL D 239 2.19 30.96 13.95
CA VAL D 239 3.28 31.29 13.04
C VAL D 239 4.38 30.26 13.28
N HIS D 240 4.31 29.18 12.51
CA HIS D 240 5.20 28.04 12.62
C HIS D 240 6.69 28.19 12.42
N ASP D 241 7.08 28.64 11.24
CA ASP D 241 8.50 28.69 10.92
C ASP D 241 9.52 29.34 11.86
N PRO D 242 9.21 30.52 12.45
CA PRO D 242 10.15 31.16 13.36
C PRO D 242 10.51 30.24 14.50
N CYS D 243 9.59 29.35 14.86
CA CYS D 243 9.84 28.43 15.98
C CYS D 243 11.04 27.56 15.74
N ALA D 244 11.30 27.22 14.48
CA ALA D 244 12.45 26.40 14.12
C ALA D 244 13.75 27.16 14.29
N VAL D 245 13.72 28.46 13.99
CA VAL D 245 14.90 29.32 14.14
C VAL D 245 15.12 29.62 15.63
N ALA D 246 14.03 29.90 16.36
CA ALA D 246 14.12 30.18 17.81
C ALA D 246 14.83 29.04 18.53
N TYR D 247 14.52 27.80 18.20
CA TYR D 247 15.20 26.70 18.86
C TYR D 247 16.73 26.74 18.63
N VAL D 248 17.18 27.20 17.46
CA VAL D 248 18.63 27.26 17.21
C VAL D 248 19.26 28.35 18.07
N ILE D 249 18.55 29.48 18.22
CA ILE D 249 19.00 30.63 19.00
C ILE D 249 19.11 30.24 20.49
N ASP D 250 18.01 29.76 21.06
CA ASP D 250 17.98 29.34 22.46
C ASP D 250 17.11 28.09 22.62
N PRO D 251 17.76 26.93 22.74
CA PRO D 251 17.03 25.68 22.91
C PRO D 251 16.06 25.69 24.06
N SER D 252 16.25 26.58 25.03
CA SER D 252 15.34 26.57 26.16
C SER D 252 13.95 27.14 25.83
N VAL D 253 13.73 27.63 24.61
CA VAL D 253 12.40 28.16 24.29
C VAL D 253 11.36 27.05 24.22
N MET D 254 11.80 25.80 24.14
CA MET D 254 10.85 24.72 24.06
C MET D 254 11.36 23.45 24.66
N THR D 255 10.47 22.58 25.08
CA THR D 255 10.84 21.28 25.64
C THR D 255 10.84 20.28 24.47
N THR D 256 11.69 19.26 24.53
CA THR D 256 11.73 18.28 23.47
C THR D 256 11.77 16.89 24.06
N GLU D 257 11.30 15.92 23.31
CA GLU D 257 11.30 14.52 23.73
C GLU D 257 12.08 13.73 22.71
N ARG D 258 12.90 12.80 23.18
CA ARG D 258 13.73 12.02 22.28
C ARG D 258 13.01 10.70 22.00
N VAL D 259 12.47 10.56 20.79
CA VAL D 259 11.73 9.36 20.40
C VAL D 259 11.96 9.02 18.95
N PRO D 260 11.74 7.75 18.57
CA PRO D 260 11.92 7.33 17.18
C PRO D 260 10.80 7.91 16.32
N VAL D 261 11.13 8.43 15.13
CA VAL D 261 10.14 8.99 14.21
C VAL D 261 10.43 8.49 12.79
N ASP D 262 9.41 7.98 12.08
CA ASP D 262 9.60 7.52 10.69
C ASP D 262 8.44 8.06 9.88
N ILE D 263 8.52 8.02 8.55
CA ILE D 263 7.48 8.55 7.67
C ILE D 263 6.67 7.46 6.95
N GLU D 264 5.36 7.58 6.95
CA GLU D 264 4.48 6.62 6.31
C GLU D 264 4.39 6.95 4.85
N LEU D 265 4.77 5.99 4.00
CA LEU D 265 4.75 6.19 2.54
C LEU D 265 3.63 5.54 1.76
N THR D 266 2.98 4.53 2.35
CA THR D 266 1.92 3.83 1.63
C THR D 266 0.51 3.86 2.17
N GLY D 267 0.30 4.35 3.38
CA GLY D 267 -1.04 4.35 3.92
C GLY D 267 -2.02 5.12 3.09
N LYS D 268 -3.28 4.71 3.06
CA LYS D 268 -4.28 5.40 2.31
C LYS D 268 -4.79 6.61 3.11
N LEU D 269 -4.93 6.46 4.42
CA LEU D 269 -5.40 7.53 5.29
C LEU D 269 -4.22 8.25 5.94
N THR D 270 -3.14 7.50 6.14
CA THR D 270 -1.99 8.04 6.83
C THR D 270 -0.76 8.42 6.01
N LEU D 271 -0.93 8.65 4.72
CA LEU D 271 0.22 9.03 3.89
C LEU D 271 0.83 10.30 4.44
N GLY D 272 2.15 10.28 4.60
CA GLY D 272 2.85 11.47 5.08
C GLY D 272 2.88 11.73 6.58
N MET D 273 2.36 10.80 7.37
CA MET D 273 2.35 10.97 8.81
C MET D 273 3.72 10.72 9.40
N THR D 274 4.11 11.53 10.40
CA THR D 274 5.36 11.31 11.13
C THR D 274 4.94 10.40 12.29
N VAL D 275 5.24 9.13 12.19
CA VAL D 275 4.84 8.19 13.22
C VAL D 275 5.87 8.20 14.32
N ALA D 276 5.48 8.60 15.52
CA ALA D 276 6.44 8.63 16.64
C ALA D 276 6.09 7.50 17.60
N ASP D 277 7.11 6.84 18.13
CA ASP D 277 6.88 5.73 19.03
C ASP D 277 7.11 6.12 20.48
N PHE D 278 6.04 6.52 21.16
CA PHE D 278 6.12 6.90 22.57
C PHE D 278 5.99 5.74 23.60
N ARG D 279 5.86 4.51 23.13
CA ARG D 279 5.75 3.38 24.04
C ARG D 279 6.98 3.29 24.90
N ASN D 280 6.80 3.12 26.21
CA ASN D 280 7.95 3.08 27.10
C ASN D 280 8.45 1.74 27.59
N PRO D 281 9.76 1.52 27.41
CA PRO D 281 11.16 1.12 27.30
C PRO D 281 11.69 1.96 26.11
N ARG D 282 11.74 3.28 26.29
CA ARG D 282 12.22 4.18 25.23
C ARG D 282 13.67 3.94 24.86
N PRO D 283 13.96 3.83 23.55
CA PRO D 283 15.23 3.60 22.88
C PRO D 283 16.56 3.92 23.54
N GLU D 284 16.78 5.19 23.90
CA GLU D 284 18.07 5.60 24.47
C GLU D 284 19.05 5.43 23.29
N HIS D 285 19.61 6.55 22.84
CA HIS D 285 20.49 6.58 21.67
C HIS D 285 19.49 6.54 20.51
N CYS D 286 18.90 7.70 20.25
CA CYS D 286 17.89 7.86 19.23
C CYS D 286 18.22 9.20 18.55
N HIS D 287 18.47 9.18 17.24
CA HIS D 287 18.84 10.41 16.54
C HIS D 287 17.74 11.41 16.23
N THR D 288 16.52 11.19 16.71
CA THR D 288 15.43 12.12 16.44
C THR D 288 14.76 12.54 17.73
N GLN D 289 14.18 13.73 17.74
CA GLN D 289 13.46 14.21 18.91
C GLN D 289 12.38 15.17 18.45
N VAL D 290 11.26 15.20 19.15
CA VAL D 290 10.15 16.07 18.79
C VAL D 290 9.99 17.21 19.81
N ALA D 291 9.47 18.35 19.39
CA ALA D 291 9.26 19.50 20.27
C ALA D 291 7.87 19.42 20.91
N VAL D 292 7.77 19.72 22.21
CA VAL D 292 6.51 19.60 22.94
C VAL D 292 5.87 20.88 23.42
N LYS D 293 6.47 21.54 24.42
CA LYS D 293 5.92 22.79 24.98
C LYS D 293 6.75 24.02 24.63
N LEU D 294 6.08 25.12 24.30
CA LEU D 294 6.75 26.36 23.93
C LEU D 294 6.66 27.38 25.06
N ASP D 295 7.77 28.11 25.29
CA ASP D 295 7.82 29.19 26.29
C ASP D 295 7.31 30.40 25.48
N PHE D 296 6.01 30.64 25.51
CA PHE D 296 5.38 31.72 24.75
C PHE D 296 5.99 33.10 24.88
N GLU D 297 6.34 33.50 26.10
CA GLU D 297 6.90 34.83 26.30
C GLU D 297 8.30 34.98 25.73
N LYS D 298 9.13 33.97 25.97
CA LYS D 298 10.48 34.03 25.47
C LYS D 298 10.50 34.01 23.97
N PHE D 299 9.61 33.22 23.36
CA PHE D 299 9.53 33.12 21.91
C PHE D 299 9.23 34.48 21.30
N TRP D 300 8.11 35.10 21.68
CA TRP D 300 7.78 36.39 21.10
C TRP D 300 8.81 37.48 21.48
N GLY D 301 9.52 37.26 22.59
CA GLY D 301 10.53 38.20 23.00
C GLY D 301 11.61 38.24 21.93
N LEU D 302 12.09 37.07 21.54
CA LEU D 302 13.11 36.94 20.51
C LEU D 302 12.73 37.60 19.18
N VAL D 303 11.47 37.46 18.78
CA VAL D 303 11.01 38.05 17.52
C VAL D 303 11.03 39.57 17.60
N LEU D 304 10.41 40.15 18.63
CA LEU D 304 10.36 41.61 18.82
C LEU D 304 11.77 42.22 18.95
N ASP D 305 12.63 41.54 19.72
CA ASP D 305 13.98 41.98 19.87
C ASP D 305 14.69 42.04 18.50
N ALA D 306 14.42 41.06 17.64
CA ALA D 306 15.03 41.03 16.31
C ALA D 306 14.45 42.14 15.48
N LEU D 307 13.15 42.38 15.57
CA LEU D 307 12.54 43.46 14.80
C LEU D 307 13.16 44.82 15.17
N GLU D 308 13.45 45.01 16.46
CA GLU D 308 14.05 46.24 16.93
C GLU D 308 15.48 46.40 16.41
N ARG D 309 16.27 45.35 16.44
CA ARG D 309 17.64 45.45 15.97
C ARG D 309 17.76 45.73 14.49
N ILE D 310 16.89 45.15 13.68
CA ILE D 310 16.93 45.37 12.23
C ILE D 310 16.71 46.85 12.00
N GLY D 311 15.91 47.44 12.87
CA GLY D 311 15.62 48.84 12.76
C GLY D 311 14.87 49.20 11.49
N ASP D 312 15.38 50.23 10.82
CA ASP D 312 14.76 50.72 9.62
C ASP D 312 15.88 51.02 8.63
N PRO D 313 16.29 50.04 7.82
CA PRO D 313 17.37 50.26 6.86
C PRO D 313 16.90 51.00 5.60
CA CA E . -10.16 -8.92 25.04
C1 PIR F . -4.44 -6.75 26.30
C2 PIR F . -4.85 -7.37 25.09
C3 PIR F . -3.87 -7.93 24.23
C4 PIR F . -2.51 -7.61 24.43
C5 PIR F . -2.12 -6.94 25.61
N5 PIR F . -0.83 -6.65 25.82
C6 PIR F . -3.08 -6.59 26.60
C1' PIR F . -6.31 -7.40 24.69
C2' PIR F . -7.26 -7.11 25.84
O2' PIR F . -8.03 -8.25 26.16
C3' PIR F . -8.19 -5.99 25.34
O3' PIR F . -9.42 -6.50 24.87
C4' PIR F . -7.42 -5.33 24.22
N4' PIR F . -6.71 -6.47 23.65
C5' PIR F . -6.43 -4.23 24.63
O5' PIR F . -5.40 -4.09 23.64
CA CA G . 23.44 -4.36 -15.63
C1 PIR H . 21.40 -10.24 -14.29
C2 PIR H . 21.29 -9.11 -13.45
C3 PIR H . 21.14 -9.28 -12.07
C4 PIR H . 20.78 -10.54 -11.57
C5 PIR H . 20.80 -11.68 -12.42
N5 PIR H . 20.41 -12.90 -11.96
C6 PIR H . 21.25 -11.54 -13.76
C1' PIR H . 21.35 -7.73 -14.03
C2' PIR H . 21.96 -7.70 -15.45
O2' PIR H . 23.19 -7.04 -15.43
C3' PIR H . 20.97 -6.89 -16.30
O3' PIR H . 21.39 -5.54 -16.43
C4' PIR H . 19.63 -6.99 -15.55
N4' PIR H . 20.08 -7.01 -14.14
C5' PIR H . 18.80 -8.23 -15.85
O5' PIR H . 17.93 -8.50 -14.77
CA CA I . -20.35 -13.80 -14.47
C1 PIR J . -17.76 -9.80 -18.73
C2 PIR J . -17.93 -9.56 -17.35
C3 PIR J . -17.92 -8.24 -16.89
C4 PIR J . -17.41 -7.24 -17.70
C5 PIR J . -17.22 -7.48 -19.06
N5 PIR J . -16.80 -6.52 -19.84
C6 PIR J . -17.47 -8.73 -19.59
C1' PIR J . -18.10 -10.71 -16.39
C2' PIR J . -18.52 -12.03 -17.08
O2' PIR J . -19.81 -12.42 -16.70
C3' PIR J . -17.53 -13.08 -16.60
O3' PIR J . -18.06 -13.82 -15.52
C4' PIR J . -16.32 -12.27 -16.13
N4' PIR J . -16.94 -11.05 -15.59
C5' PIR J . -15.30 -11.92 -17.25
O5' PIR J . -14.53 -10.78 -16.88
CA CA K . 7.21 27.18 5.19
C1 PIR L . 1.15 26.83 6.82
C2 PIR L . 1.77 26.10 5.77
C3 PIR L . 0.98 25.57 4.75
C4 PIR L . -0.41 25.47 4.92
C5 PIR L . -1.03 26.17 5.99
N5 PIR L . -2.37 26.10 6.14
C6 PIR L . -0.25 26.92 6.90
C1' PIR L . 3.25 25.88 5.75
C2' PIR L . 4.01 26.84 6.67
O2' PIR L . 4.85 27.71 5.91
C3' PIR L . 4.89 25.97 7.56
O3' PIR L . 6.22 25.93 7.08
C4' PIR L . 4.23 24.58 7.51
N4' PIR L . 3.70 24.56 6.13
C5' PIR L . 3.11 24.32 8.54
O5' PIR L . 2.28 23.27 8.07
#